data_3KNC
# 
_entry.id   3KNC 
# 
_audit_conform.dict_name       mmcif_pdbx.dic 
_audit_conform.dict_version    5.387 
_audit_conform.dict_location   http://mmcif.pdb.org/dictionaries/ascii/mmcif_pdbx.dic 
# 
loop_
_database_2.database_id 
_database_2.database_code 
_database_2.pdbx_database_accession 
_database_2.pdbx_DOI 
PDB   3KNC         pdb_00003knc 10.2210/pdb3knc/pdb 
NDB   NA0360       ?            ?                   
RCSB  RCSB056206   ?            ?                   
WWPDB D_1000056206 ?            ?                   
# 
loop_
_pdbx_audit_revision_history.ordinal 
_pdbx_audit_revision_history.data_content_type 
_pdbx_audit_revision_history.major_revision 
_pdbx_audit_revision_history.minor_revision 
_pdbx_audit_revision_history.revision_date 
1 'Structure model' 1 0 2010-12-08 
2 'Structure model' 1 1 2011-07-13 
3 'Structure model' 1 2 2012-02-01 
4 'Structure model' 1 3 2017-11-01 
5 'Structure model' 1 4 2021-10-13 
6 'Structure model' 1 5 2024-02-21 
# 
_pdbx_audit_revision_details.ordinal             1 
_pdbx_audit_revision_details.revision_ordinal    1 
_pdbx_audit_revision_details.data_content_type   'Structure model' 
_pdbx_audit_revision_details.provider            repository 
_pdbx_audit_revision_details.type                'Initial release' 
_pdbx_audit_revision_details.description         ? 
_pdbx_audit_revision_details.details             ? 
# 
loop_
_pdbx_audit_revision_group.ordinal 
_pdbx_audit_revision_group.revision_ordinal 
_pdbx_audit_revision_group.data_content_type 
_pdbx_audit_revision_group.group 
1 2 'Structure model' 'Version format compliance' 
2 3 'Structure model' Other                       
3 4 'Structure model' 'Refinement description'    
4 5 'Structure model' 'Database references'       
5 5 'Structure model' 'Derived calculations'      
6 6 'Structure model' 'Data collection'           
# 
loop_
_pdbx_audit_revision_category.ordinal 
_pdbx_audit_revision_category.revision_ordinal 
_pdbx_audit_revision_category.data_content_type 
_pdbx_audit_revision_category.category 
1 4 'Structure model' software               
2 5 'Structure model' database_2             
3 5 'Structure model' pdbx_struct_conn_angle 
4 5 'Structure model' struct_conn            
5 5 'Structure model' struct_ref_seq         
6 5 'Structure model' struct_ref_seq_dif     
7 5 'Structure model' struct_site            
8 6 'Structure model' chem_comp_atom         
9 6 'Structure model' chem_comp_bond         
# 
loop_
_pdbx_audit_revision_item.ordinal 
_pdbx_audit_revision_item.revision_ordinal 
_pdbx_audit_revision_item.data_content_type 
_pdbx_audit_revision_item.item 
1  4 'Structure model' '_software.name'                            
2  5 'Structure model' '_database_2.pdbx_DOI'                      
3  5 'Structure model' '_database_2.pdbx_database_accession'       
4  5 'Structure model' '_pdbx_struct_conn_angle.ptnr1_auth_seq_id' 
5  5 'Structure model' '_pdbx_struct_conn_angle.ptnr3_auth_seq_id' 
6  5 'Structure model' '_pdbx_struct_conn_angle.value'             
7  5 'Structure model' '_struct_conn.pdbx_dist_value'              
8  5 'Structure model' '_struct_conn.pdbx_leaving_atom_flag'       
9  5 'Structure model' '_struct_conn.ptnr2_auth_seq_id'            
10 5 'Structure model' '_struct_ref_seq.db_align_beg'              
11 5 'Structure model' '_struct_ref_seq.db_align_end'              
12 5 'Structure model' '_struct_ref_seq_dif.details'               
13 5 'Structure model' '_struct_site.pdbx_auth_asym_id'            
14 5 'Structure model' '_struct_site.pdbx_auth_comp_id'            
15 5 'Structure model' '_struct_site.pdbx_auth_seq_id'             
# 
_pdbx_database_status.entry_id                        3KNC 
_pdbx_database_status.status_code                     REL 
_pdbx_database_status.deposit_site                    RCSB 
_pdbx_database_status.process_site                    RCSB 
_pdbx_database_status.recvd_initial_deposition_date   2009-11-12 
_pdbx_database_status.status_code_sf                  REL 
_pdbx_database_status.status_code_mr                  ? 
_pdbx_database_status.SG_entry                        ? 
_pdbx_database_status.status_code_cs                  ? 
_pdbx_database_status.methods_development_category    ? 
_pdbx_database_status.pdb_format_compatible           Y 
_pdbx_database_status.status_code_nmr_data            ? 
# 
loop_
_audit_author.name 
_audit_author.pdbx_ordinal 
'Ovaere, M.'       1 
'Van Meervelt, L.' 2 
# 
_citation.id                        primary 
_citation.title                     'The Crystal Structure of the CeNA:RNA Hybrid ce(GCGTAGCG):r(CGCUACGC).' 
_citation.journal_abbrev            Chemistry 
_citation.journal_volume            17 
_citation.page_first                7823 
_citation.page_last                 7830 
_citation.year                      2011 
_citation.journal_id_ASTM           ? 
_citation.country                   GE 
_citation.journal_id_ISSN           0947-6539 
_citation.journal_id_CSD            ? 
_citation.book_publisher            ? 
_citation.pdbx_database_id_PubMed   21618623 
_citation.pdbx_database_id_DOI      10.1002/chem.201003594 
# 
loop_
_citation_author.citation_id 
_citation_author.name 
_citation_author.ordinal 
_citation_author.identifier_ORCID 
primary 'Ovaere, M.'       1 ? 
primary 'Herdewijn, P.'    2 ? 
primary 'Van Meervelt, L.' 3 ? 
# 
loop_
_entity.id 
_entity.type 
_entity.src_method 
_entity.pdbx_description 
_entity.formula_weight 
_entity.pdbx_number_of_molecules 
_entity.pdbx_ec 
_entity.pdbx_mutation 
_entity.pdbx_fragment 
_entity.details 
1 polymer     syn "5'-D(*(XGR)P*(XCR)P*(XGR)P*(XTR)P*(XAR)P*(XGR)P*(XCR)P*(XGR)P*(XGR))-3'" 2887.177 1  ? ? ? CeNA 
2 polymer     syn "5'-R(*CP*GP*CP*UP*AP*CP*GP*C)-3'"                                        2501.553 1  ? ? ? RNA  
3 non-polymer syn 'MAGNESIUM ION'                                                           24.305   2  ? ? ? ?    
4 water       nat water                                                                     18.015   47 ? ? ? ?    
# 
loop_
_entity_poly.entity_id 
_entity_poly.type 
_entity_poly.nstd_linkage 
_entity_poly.nstd_monomer 
_entity_poly.pdbx_seq_one_letter_code 
_entity_poly.pdbx_seq_one_letter_code_can 
_entity_poly.pdbx_strand_id 
_entity_poly.pdbx_target_identifier 
1 polydeoxyribonucleotide no yes '(XGR)(XCR)(XGR)(XTR)(XAR)(XGR)(XCR)(XGR)(XGR)' GCGTNGCGG A ? 
2 polyribonucleotide      no no  CGCUACGC                                        CGCUACGC  B ? 
# 
loop_
_pdbx_entity_nonpoly.entity_id 
_pdbx_entity_nonpoly.name 
_pdbx_entity_nonpoly.comp_id 
3 'MAGNESIUM ION' MG  
4 water           HOH 
# 
loop_
_entity_poly_seq.entity_id 
_entity_poly_seq.num 
_entity_poly_seq.mon_id 
_entity_poly_seq.hetero 
1 1 XGR n 
1 2 XCR n 
1 3 XGR n 
1 4 XTR n 
1 5 XAR n 
1 6 XGR n 
1 7 XCR n 
1 8 XGR n 
1 9 XGR n 
2 1 C   n 
2 2 G   n 
2 3 C   n 
2 4 U   n 
2 5 A   n 
2 6 C   n 
2 7 G   n 
2 8 C   n 
# 
loop_
_pdbx_entity_src_syn.entity_id 
_pdbx_entity_src_syn.pdbx_src_id 
_pdbx_entity_src_syn.pdbx_alt_source_flag 
_pdbx_entity_src_syn.pdbx_beg_seq_num 
_pdbx_entity_src_syn.pdbx_end_seq_num 
_pdbx_entity_src_syn.organism_scientific 
_pdbx_entity_src_syn.organism_common_name 
_pdbx_entity_src_syn.ncbi_taxonomy_id 
_pdbx_entity_src_syn.details 
1 1 sample ? ? ? ? ? 'The CeNA strand was synthesized.' 
2 1 sample ? ? ? ? ? 'The RNA strand was synthesized.'  
# 
loop_
_chem_comp.id 
_chem_comp.type 
_chem_comp.mon_nstd_flag 
_chem_comp.name 
_chem_comp.pdbx_synonyms 
_chem_comp.formula 
_chem_comp.formula_weight 
A   'RNA linking' y "ADENOSINE-5'-MONOPHOSPHATE" ? 'C10 H14 N5 O7 P' 347.221 
C   'RNA linking' y "CYTIDINE-5'-MONOPHOSPHATE" ? 'C9 H14 N3 O8 P'  323.197 
DT  'DNA linking' y "THYMIDINE-5'-MONOPHOSPHATE" ? 'C10 H15 N2 O8 P' 322.208 
G   'RNA linking' y "GUANOSINE-5'-MONOPHOSPHATE" ? 'C10 H14 N5 O8 P' 363.221 
HOH non-polymer   . WATER ? 'H2 O'            18.015  
MG  non-polymer   . 'MAGNESIUM ION' ? 'Mg 2'            24.305  
U   'RNA linking' y "URIDINE-5'-MONOPHOSPHATE" ? 'C9 H13 N2 O9 P'  324.181 
XAR 'DNA linking' . '[(1R,4S,6S)-4-(6-AMINO-9H-PURIN-9-YL)-6-HYDROXYCYCLOHEX-2-EN-1-YL]METHYL DIHYDROGEN PHOSPHATE' ? 
'C12 H16 N5 O5 P' 341.260 
XCR 'DNA linking' n '[(1R,4S,6S)-4-(4-amino-2-oxopyrimidin-1(2H)-yl)-6-hydroxycyclohex-2-en-1-yl]methyl dihydrogen phosphate' ? 
'C11 H16 N3 O6 P' 317.235 
XGR 'DNA linking' n 
'[(1R,4S,6S)-4-(2-amino-6-oxo-1,6-dihydro-9H-purin-9-yl)-6-hydroxycyclohex-2-en-1-yl]methyl dihydrogen phosphate'          ? 
'C12 H16 N5 O6 P' 357.259 
XTR 'DNA linking' n 
'[(1R,4S,6S)-6-hydroxy-4-(5-methyl-2,4-dioxo-3,4-dihydropyrimidin-1(2H)-yl)cyclohex-2-en-1-yl]methyl dihydrogen phosphate' ? 
'C12 H17 N2 O7 P' 332.246 
# 
loop_
_pdbx_poly_seq_scheme.asym_id 
_pdbx_poly_seq_scheme.entity_id 
_pdbx_poly_seq_scheme.seq_id 
_pdbx_poly_seq_scheme.mon_id 
_pdbx_poly_seq_scheme.ndb_seq_num 
_pdbx_poly_seq_scheme.pdb_seq_num 
_pdbx_poly_seq_scheme.auth_seq_num 
_pdbx_poly_seq_scheme.pdb_mon_id 
_pdbx_poly_seq_scheme.auth_mon_id 
_pdbx_poly_seq_scheme.pdb_strand_id 
_pdbx_poly_seq_scheme.pdb_ins_code 
_pdbx_poly_seq_scheme.hetero 
A 1 1 XGR 1 1 1 XGR XGR A . n 
A 1 2 XCR 2 2 2 XCR XCR A . n 
A 1 3 XGR 3 3 3 XGR XGR A . n 
A 1 4 XTR 4 4 4 XTR XTR A . n 
A 1 5 XAR 5 5 5 XAR XAR A . n 
A 1 6 XGR 6 6 6 XGR XGR A . n 
A 1 7 XCR 7 7 7 XCR XCR A . n 
A 1 8 XGR 8 8 8 XGR XGR A . n 
A 1 9 XGR 9 9 9 XGR XGR A . n 
B 2 1 C   1 1 1 C   C   B . n 
B 2 2 G   2 2 2 G   G   B . n 
B 2 3 C   3 3 3 C   C   B . n 
B 2 4 U   4 4 4 U   U   B . n 
B 2 5 A   5 5 5 A   A   B . n 
B 2 6 C   6 6 6 C   C   B . n 
B 2 7 G   7 7 7 G   G   B . n 
B 2 8 C   8 8 8 C   C   B . n 
# 
loop_
_pdbx_nonpoly_scheme.asym_id 
_pdbx_nonpoly_scheme.entity_id 
_pdbx_nonpoly_scheme.mon_id 
_pdbx_nonpoly_scheme.ndb_seq_num 
_pdbx_nonpoly_scheme.pdb_seq_num 
_pdbx_nonpoly_scheme.auth_seq_num 
_pdbx_nonpoly_scheme.pdb_mon_id 
_pdbx_nonpoly_scheme.auth_mon_id 
_pdbx_nonpoly_scheme.pdb_strand_id 
_pdbx_nonpoly_scheme.pdb_ins_code 
C 3 MG  1  100 100 MG  MG  A . 
D 3 MG  1  200 200 MG  MG  A . 
E 4 HOH 1  14  14  HOH HOH A . 
E 4 HOH 2  15  15  HOH HOH A . 
E 4 HOH 3  17  17  HOH HOH A . 
E 4 HOH 4  20  20  HOH HOH A . 
E 4 HOH 5  22  22  HOH HOH A . 
E 4 HOH 6  23  23  HOH HOH A . 
E 4 HOH 7  24  24  HOH HOH A . 
E 4 HOH 8  25  25  HOH HOH A . 
E 4 HOH 9  28  28  HOH HOH A . 
E 4 HOH 10 33  33  HOH HOH A . 
E 4 HOH 11 34  34  HOH HOH A . 
E 4 HOH 12 35  35  HOH HOH A . 
E 4 HOH 13 101 101 HOH HOH A . 
E 4 HOH 14 102 102 HOH HOH A . 
E 4 HOH 15 103 103 HOH HOH A . 
E 4 HOH 16 104 104 HOH HOH A . 
E 4 HOH 17 105 105 HOH HOH A . 
E 4 HOH 18 106 106 HOH HOH A . 
E 4 HOH 19 107 1   HOH HOH A . 
E 4 HOH 20 108 3   HOH HOH A . 
E 4 HOH 21 109 4   HOH HOH A . 
E 4 HOH 22 110 7   HOH HOH A . 
E 4 HOH 23 111 8   HOH HOH A . 
E 4 HOH 24 201 201 HOH HOH A . 
E 4 HOH 25 202 202 HOH HOH A . 
E 4 HOH 26 203 203 HOH HOH A . 
E 4 HOH 27 204 204 HOH HOH A . 
E 4 HOH 28 205 205 HOH HOH A . 
E 4 HOH 29 206 206 HOH HOH A . 
F 4 HOH 1  9   9   HOH HOH B . 
F 4 HOH 2  10  10  HOH HOH B . 
F 4 HOH 3  11  11  HOH HOH B . 
F 4 HOH 4  12  12  HOH HOH B . 
F 4 HOH 5  13  13  HOH HOH B . 
F 4 HOH 6  14  2   HOH HOH B . 
F 4 HOH 7  15  5   HOH HOH B . 
F 4 HOH 8  16  16  HOH HOH B . 
F 4 HOH 9  17  6   HOH HOH B . 
F 4 HOH 10 18  18  HOH HOH B . 
F 4 HOH 11 19  19  HOH HOH B . 
F 4 HOH 12 21  21  HOH HOH B . 
F 4 HOH 13 26  26  HOH HOH B . 
F 4 HOH 14 27  27  HOH HOH B . 
F 4 HOH 15 29  29  HOH HOH B . 
F 4 HOH 16 30  30  HOH HOH B . 
F 4 HOH 17 31  31  HOH HOH B . 
F 4 HOH 18 32  32  HOH HOH B . 
# 
loop_
_pdbx_unobs_or_zero_occ_atoms.id 
_pdbx_unobs_or_zero_occ_atoms.PDB_model_num 
_pdbx_unobs_or_zero_occ_atoms.polymer_flag 
_pdbx_unobs_or_zero_occ_atoms.occupancy_flag 
_pdbx_unobs_or_zero_occ_atoms.auth_asym_id 
_pdbx_unobs_or_zero_occ_atoms.auth_comp_id 
_pdbx_unobs_or_zero_occ_atoms.auth_seq_id 
_pdbx_unobs_or_zero_occ_atoms.PDB_ins_code 
_pdbx_unobs_or_zero_occ_atoms.auth_atom_id 
_pdbx_unobs_or_zero_occ_atoms.label_alt_id 
_pdbx_unobs_or_zero_occ_atoms.label_asym_id 
_pdbx_unobs_or_zero_occ_atoms.label_comp_id 
_pdbx_unobs_or_zero_occ_atoms.label_seq_id 
_pdbx_unobs_or_zero_occ_atoms.label_atom_id 
1  1 Y 1 A XGR 9 ? N1    ? A XGR 9 N1    
2  1 Y 1 A XGR 9 ? C2    ? A XGR 9 C2    
3  1 Y 1 A XGR 9 ? N2    ? A XGR 9 N2    
4  1 Y 1 A XGR 9 ? N3    ? A XGR 9 N3    
5  1 Y 1 A XGR 9 ? C4    ? A XGR 9 C4    
6  1 Y 1 A XGR 9 ? C5    ? A XGR 9 C5    
7  1 Y 1 A XGR 9 ? C6    ? A XGR 9 C6    
8  1 Y 1 A XGR 9 ? O6    ? A XGR 9 O6    
9  1 Y 1 A XGR 9 ? N7    ? A XGR 9 N7    
10 1 Y 1 A XGR 9 ? C8    ? A XGR 9 C8    
11 1 Y 1 A XGR 9 ? N9    ? A XGR 9 N9    
12 1 Y 1 A XGR 9 ? "C1'" ? A XGR 9 "C1'" 
13 1 Y 1 A XGR 9 ? "C2'" ? A XGR 9 "C2'" 
14 1 Y 1 A XGR 9 ? "C3'" ? A XGR 9 "C3'" 
15 1 Y 1 A XGR 9 ? "O3'" ? A XGR 9 "O3'" 
16 1 Y 1 A XGR 9 ? "C4'" ? A XGR 9 "C4'" 
17 1 Y 1 A XGR 9 ? "C5'" ? A XGR 9 "C5'" 
18 1 Y 1 A XGR 9 ? "C6'" ? A XGR 9 "C6'" 
19 1 Y 1 A XGR 9 ? "C7'" ? A XGR 9 "C7'" 
# 
loop_
_software.pdbx_ordinal 
_software.name 
_software.version 
_software.date 
_software.type 
_software.contact_author 
_software.contact_author_email 
_software.classification 
_software.location 
_software.language 
_software.citation_id 
1 MOSFLM      .     ?                          package 'Andrew G.W. Leslie' andrew@mrc-lmb.cam.ac.uk    'data reduction'  
http://www.mrc-lmb.cam.ac.uk/harry/mosflm/   ?          ? 
2 SCALA       3.3.9 2008/10/21                 other   'Phil R. Evans'      pre@mrc-lmb.cam.ac.uk       'data scaling'    
http://www.ccp4.ac.uk/dist/html/scala.html   Fortran_77 ? 
3 PHASER      2.1.4 'Thu Nov 13 11:40:59 2008' program 'Randy J. Read'      cimr-phaser@lists.cam.ac.uk phasing           
http://www-structmed.cimr.cam.ac.uk/phaser/  ?          ? 
4 REFMAC      .     ?                          program 'Garib N. Murshudov' garib@ysbl.york.ac.uk       refinement        
http://www.ccp4.ac.uk/dist/html/refmac5.html Fortran_77 ? 
5 PDB_EXTRACT 3.005 'June 11, 2008'            package PDB                  help@deposit.rcsb.org       'data extraction' 
http://sw-tools.pdb.org/apps/PDB_EXTRACT/    C++        ? 
6 MAR345      CCD   ?                          ?       ?                    ?                           'data collection' ? ? ? 
# 
_cell.length_a           41.919 
_cell.length_b           41.919 
_cell.length_c           68.444 
_cell.angle_alpha        90.000 
_cell.angle_beta         90.000 
_cell.angle_gamma        120.000 
_cell.entry_id           3KNC 
_cell.pdbx_unique_axis   ? 
_cell.Z_PDB              6 
_cell.length_a_esd       ? 
_cell.length_b_esd       ? 
_cell.length_c_esd       ? 
_cell.angle_alpha_esd    ? 
_cell.angle_beta_esd     ? 
_cell.angle_gamma_esd    ? 
# 
_symmetry.space_group_name_H-M             'P 32 2 1' 
_symmetry.entry_id                         3KNC 
_symmetry.Int_Tables_number                154 
_symmetry.pdbx_full_space_group_name_H-M   ? 
_symmetry.cell_setting                     ? 
_symmetry.space_group_name_Hall            ? 
# 
_exptl.crystals_number   1 
_exptl.entry_id          3KNC 
_exptl.method            'X-RAY DIFFRACTION' 
# 
_exptl_crystal.id                    1 
_exptl_crystal.density_Matthews      3.22 
_exptl_crystal.density_meas          ? 
_exptl_crystal.density_percent_sol   61.82 
_exptl_crystal.description           'The structure factor file contains Friedel pairs' 
_exptl_crystal.F_000                 ? 
_exptl_crystal.preparation           ? 
# 
_exptl_crystal_grow.crystal_id      1 
_exptl_crystal_grow.method          'VAPOR DIFFUSION, HANGING DROP' 
_exptl_crystal_grow.pH              ? 
_exptl_crystal_grow.temp            289 
_exptl_crystal_grow.pdbx_details    '0.2M Magnesium formate, VAPOR DIFFUSION, HANGING DROP, temperature 289K' 
_exptl_crystal_grow.temp_details    ? 
_exptl_crystal_grow.pdbx_pH_range   ? 
# 
loop_
_exptl_crystal_grow_comp.crystal_id 
_exptl_crystal_grow_comp.id 
_exptl_crystal_grow_comp.sol_id 
_exptl_crystal_grow_comp.name 
_exptl_crystal_grow_comp.conc 
_exptl_crystal_grow_comp.volume 
_exptl_crystal_grow_comp.details 
1 1 1 'Magnesium formate' ? ? ? 
1 2 2 'Magnesium formate' ? ? ? 
# 
_diffrn.id                     1 
_diffrn.ambient_temp           100 
_diffrn.ambient_temp_details   ? 
_diffrn.crystal_id             1 
# 
_diffrn_detector.diffrn_id              1 
_diffrn_detector.detector               CCD 
_diffrn_detector.type                   'MARMOSAIC 225 mm CCD' 
_diffrn_detector.pdbx_collection_date   2008-09-29 
_diffrn_detector.details                ? 
# 
_diffrn_radiation.diffrn_id                        1 
_diffrn_radiation.pdbx_diffrn_protocol             'SINGLE WAVELENGTH' 
_diffrn_radiation.monochromator                    ? 
_diffrn_radiation.wavelength_id                    1 
_diffrn_radiation.pdbx_monochromatic_or_laue_m_l   M 
_diffrn_radiation.pdbx_scattering_type             x-ray 
# 
_diffrn_radiation_wavelength.id           1 
_diffrn_radiation_wavelength.wavelength   1.0000 
_diffrn_radiation_wavelength.wt           1.0 
# 
_diffrn_source.diffrn_id                   1 
_diffrn_source.source                      SYNCHROTRON 
_diffrn_source.type                        'SLS BEAMLINE X06DA' 
_diffrn_source.pdbx_wavelength_list        1.0000 
_diffrn_source.pdbx_wavelength             ? 
_diffrn_source.pdbx_synchrotron_site       SLS 
_diffrn_source.pdbx_synchrotron_beamline   X06DA 
# 
_reflns.entry_id                     3KNC 
_reflns.d_resolution_high            2.50 
_reflns.d_resolution_low             36.3 
_reflns.number_all                   2460 
_reflns.number_obs                   2575 
_reflns.pdbx_Rsym_value              0.048 
_reflns.pdbx_redundancy              9.400 
_reflns.percent_possible_obs         98.800 
_reflns.observed_criterion_sigma_F   ? 
_reflns.observed_criterion_sigma_I   ? 
_reflns.pdbx_Rmerge_I_obs            ? 
_reflns.pdbx_netI_over_sigmaI        ? 
_reflns.B_iso_Wilson_estimate        ? 
_reflns.R_free_details               ? 
_reflns.limit_h_max                  ? 
_reflns.limit_h_min                  ? 
_reflns.limit_k_max                  ? 
_reflns.limit_k_min                  ? 
_reflns.limit_l_max                  ? 
_reflns.limit_l_min                  ? 
_reflns.observed_criterion_F_max     ? 
_reflns.observed_criterion_F_min     ? 
_reflns.pdbx_chi_squared             ? 
_reflns.pdbx_scaling_rejects         ? 
_reflns.pdbx_ordinal                 1 
_reflns.pdbx_diffrn_id               1 
# 
_refine.entry_id                                 3KNC 
_refine.ls_d_res_high                            2.50 
_refine.ls_d_res_low                             36.3 
_refine.pdbx_ls_sigma_F                          0.00 
_refine.pdbx_data_cutoff_high_absF               ? 
_refine.pdbx_data_cutoff_low_absF                ? 
_refine.ls_percent_reflns_obs                    98.020 
_refine.ls_number_reflns_obs                     2574 
_refine.ls_number_reflns_all                     ? 
_refine.pdbx_ls_cross_valid_method               THROUGHOUT 
_refine.pdbx_R_Free_selection_details            RANDOM 
_refine.details                                  'The Friedel pairs were used in phasing' 
_refine.ls_R_factor_all                          ? 
_refine.ls_R_factor_obs                          0.187 
_refine.ls_R_factor_R_work                       0.184 
_refine.ls_wR_factor_R_work                      0.184 
_refine.ls_R_factor_R_free                       0.232 
_refine.ls_wR_factor_R_free                      0.232 
_refine.ls_percent_reflns_R_free                 4.400 
_refine.ls_number_reflns_R_free                  114 
_refine.ls_R_factor_R_free_error                 ? 
_refine.B_iso_mean                               61.046 
_refine.solvent_model_param_bsol                 ? 
_refine.solvent_model_param_ksol                 ? 
_refine.pdbx_isotropic_thermal_model             ? 
_refine.aniso_B[1][1]                            4.490 
_refine.aniso_B[2][2]                            4.490 
_refine.aniso_B[3][3]                            -6.730 
_refine.aniso_B[1][2]                            2.240 
_refine.aniso_B[1][3]                            0.000 
_refine.aniso_B[2][3]                            0.000 
_refine.correlation_coeff_Fo_to_Fc               0.970 
_refine.correlation_coeff_Fo_to_Fc_free          0.958 
_refine.overall_SU_R_Cruickshank_DPI             0.310 
_refine.overall_SU_R_free                        0.237 
_refine.pdbx_overall_ESU_R                       0.310 
_refine.pdbx_overall_ESU_R_Free                  0.237 
_refine.overall_SU_ML                            0.190 
_refine.overall_SU_B                             9.838 
_refine.solvent_model_details                    'BABINET MODEL WITH MASK' 
_refine.pdbx_solvent_vdw_probe_radii             1.400 
_refine.pdbx_solvent_ion_probe_radii             0.800 
_refine.pdbx_solvent_shrinkage_radii             0.800 
_refine.ls_number_parameters                     ? 
_refine.ls_number_restraints                     ? 
_refine.pdbx_starting_model                      ? 
_refine.pdbx_method_to_determine_struct          'MOLECULAR REPLACEMENT' 
_refine.pdbx_stereochemistry_target_values       'MAXIMUM LIKELIHOOD' 
_refine.pdbx_stereochem_target_val_spec_case     ? 
_refine.overall_FOM_work_R_set                   0.762 
_refine.B_iso_max                                83.75 
_refine.B_iso_min                                37.01 
_refine.occupancy_max                            1.00 
_refine.occupancy_min                            0.50 
_refine.pdbx_ls_sigma_I                          ? 
_refine.ls_redundancy_reflns_obs                 ? 
_refine.ls_R_factor_R_free_error_details         ? 
_refine.pdbx_data_cutoff_high_rms_absF           ? 
_refine.overall_FOM_free_R_set                   ? 
_refine.pdbx_overall_phase_error                 ? 
_refine.pdbx_refine_id                           'X-RAY DIFFRACTION' 
_refine.pdbx_diffrn_id                           1 
_refine.pdbx_TLS_residual_ADP_flag               ? 
_refine.pdbx_overall_SU_R_free_Cruickshank_DPI   ? 
_refine.pdbx_overall_SU_R_Blow_DPI               ? 
_refine.pdbx_overall_SU_R_free_Blow_DPI          ? 
# 
_refine_hist.pdbx_refine_id                   'X-RAY DIFFRACTION' 
_refine_hist.cycle_id                         LAST 
_refine_hist.pdbx_number_atoms_protein        0 
_refine_hist.pdbx_number_atoms_nucleic_acid   341 
_refine_hist.pdbx_number_atoms_ligand         2 
_refine_hist.number_atoms_solvent             47 
_refine_hist.number_atoms_total               390 
_refine_hist.d_res_high                       2.50 
_refine_hist.d_res_low                        36.3 
# 
loop_
_refine_ls_restr.type 
_refine_ls_restr.number 
_refine_ls_restr.dev_ideal 
_refine_ls_restr.dev_ideal_target 
_refine_ls_restr.weight 
_refine_ls_restr.pdbx_refine_id 
_refine_ls_restr.pdbx_restraint_function 
r_bond_refined_d     396 0.018 0.021 ? 'X-RAY DIFFRACTION' ? 
r_angle_refined_deg  617 2.247 2.972 ? 'X-RAY DIFFRACTION' ? 
r_chiral_restr       63  0.120 0.200 ? 'X-RAY DIFFRACTION' ? 
r_gen_planes_refined 199 0.010 0.017 ? 'X-RAY DIFFRACTION' ? 
r_mcbond_it          1   0.108 1.500 ? 'X-RAY DIFFRACTION' ? 
r_scbond_it          392 2.812 3.000 ? 'X-RAY DIFFRACTION' ? 
r_scangle_it         605 4.317 4.500 ? 'X-RAY DIFFRACTION' ? 
# 
_refine_ls_shell.d_res_high                       2.50 
_refine_ls_shell.d_res_low                        2.57 
_refine_ls_shell.pdbx_total_number_of_bins_used   20 
_refine_ls_shell.percent_reflns_obs               97.270 
_refine_ls_shell.number_reflns_R_work             169 
_refine_ls_shell.R_factor_all                     ? 
_refine_ls_shell.R_factor_R_work                  0.379 
_refine_ls_shell.R_factor_R_free                  0.733 
_refine_ls_shell.percent_reflns_R_free            ? 
_refine_ls_shell.number_reflns_R_free             9 
_refine_ls_shell.R_factor_R_free_error            ? 
_refine_ls_shell.number_reflns_all                178 
_refine_ls_shell.number_reflns_obs                ? 
_refine_ls_shell.redundancy_reflns_obs            ? 
_refine_ls_shell.pdbx_refine_id                   'X-RAY DIFFRACTION' 
# 
_struct.entry_id                  3KNC 
_struct.title                     'Crystal structure of the CeNA-RNA hybrid octamer ce(GCGTAGCG):r(CGCUACGC)' 
_struct.pdbx_model_details        ? 
_struct.pdbx_CASP_flag            ? 
_struct.pdbx_model_type_details   ? 
# 
_struct_keywords.entry_id        3KNC 
_struct_keywords.text            'cyclohexene, sugar modification, RNA, RNA-CYCLOHEXENE-RNA HYBRID complex' 
_struct_keywords.pdbx_keywords   'RNA/CYCLOHEXENE-RNA HYBRID' 
# 
loop_
_struct_asym.id 
_struct_asym.pdbx_blank_PDB_chainid_flag 
_struct_asym.pdbx_modified 
_struct_asym.entity_id 
_struct_asym.details 
A N N 1 ? 
B N N 2 ? 
C N N 3 ? 
D N N 3 ? 
E N N 4 ? 
F N N 4 ? 
# 
loop_
_struct_ref.id 
_struct_ref.db_name 
_struct_ref.db_code 
_struct_ref.pdbx_db_accession 
_struct_ref.entity_id 
_struct_ref.pdbx_seq_one_letter_code 
_struct_ref.pdbx_align_begin 
_struct_ref.pdbx_db_isoform 
1 PDB 3KNC 3KNC 1 GCGTAGCGG 1 ? 
2 PDB 3KNC 3KNC 2 CGCUACGC  1 ? 
# 
loop_
_struct_ref_seq.align_id 
_struct_ref_seq.ref_id 
_struct_ref_seq.pdbx_PDB_id_code 
_struct_ref_seq.pdbx_strand_id 
_struct_ref_seq.seq_align_beg 
_struct_ref_seq.pdbx_seq_align_beg_ins_code 
_struct_ref_seq.seq_align_end 
_struct_ref_seq.pdbx_seq_align_end_ins_code 
_struct_ref_seq.pdbx_db_accession 
_struct_ref_seq.db_align_beg 
_struct_ref_seq.pdbx_db_align_beg_ins_code 
_struct_ref_seq.db_align_end 
_struct_ref_seq.pdbx_db_align_end_ins_code 
_struct_ref_seq.pdbx_auth_seq_align_beg 
_struct_ref_seq.pdbx_auth_seq_align_end 
1 1 3KNC A 1 ? 9 ? 3KNC 1 ? 9 ? 1 9 
2 2 3KNC B 1 ? 8 ? 3KNC 1 ? 8 ? 1 8 
# 
loop_
_struct_ref_seq_dif.align_id 
_struct_ref_seq_dif.pdbx_pdb_id_code 
_struct_ref_seq_dif.mon_id 
_struct_ref_seq_dif.pdbx_pdb_strand_id 
_struct_ref_seq_dif.seq_num 
_struct_ref_seq_dif.pdbx_pdb_ins_code 
_struct_ref_seq_dif.pdbx_seq_db_name 
_struct_ref_seq_dif.pdbx_seq_db_accession_code 
_struct_ref_seq_dif.db_mon_id 
_struct_ref_seq_dif.pdbx_seq_db_seq_num 
_struct_ref_seq_dif.details 
_struct_ref_seq_dif.pdbx_auth_seq_num 
_struct_ref_seq_dif.pdbx_ordinal 
1 3KNC XGR A 1 ? PDB 3KNC C  2  'engineered mutation' 1 1 
1 3KNC XCR A 2 ? PDB 3KNC G  3  'engineered mutation' 2 2 
1 3KNC XGR A 3 ? PDB 3KNC DT 4  'engineered mutation' 3 3 
1 3KNC XTR A 4 ? PDB 3KNC A  5  'engineered mutation' 4 4 
1 3KNC XAR A 5 ? PDB 3KNC G  6  'engineered mutation' 5 5 
1 3KNC XGR A 6 ? PDB 3KNC C  7  'engineered mutation' 6 6 
1 3KNC XCR A 7 ? PDB 3KNC G  8  'engineered mutation' 7 7 
1 3KNC XGR A 8 ? PDB 3KNC G  9  'engineered mutation' 8 8 
1 3KNC XGR A 9 ? PDB 3KNC G  10 'engineered mutation' 9 9 
# 
_pdbx_struct_assembly.id                   1 
_pdbx_struct_assembly.details              author_and_software_defined_assembly 
_pdbx_struct_assembly.method_details       PISA 
_pdbx_struct_assembly.oligomeric_details   dimeric 
_pdbx_struct_assembly.oligomeric_count     2 
# 
loop_
_pdbx_struct_assembly_prop.biol_id 
_pdbx_struct_assembly_prop.type 
_pdbx_struct_assembly_prop.value 
_pdbx_struct_assembly_prop.details 
1 'ABSA (A^2)' 1280  ? 
1 MORE         -34.1 ? 
1 'SSA (A^2)'  11444 ? 
# 
_pdbx_struct_assembly_gen.assembly_id       1 
_pdbx_struct_assembly_gen.oper_expression   1 
_pdbx_struct_assembly_gen.asym_id_list      A,B,C,D,E,F 
# 
_pdbx_struct_oper_list.id                   1 
_pdbx_struct_oper_list.type                 'identity operation' 
_pdbx_struct_oper_list.name                 1_555 
_pdbx_struct_oper_list.symmetry_operation   x,y,z 
_pdbx_struct_oper_list.matrix[1][1]         1.0000000000 
_pdbx_struct_oper_list.matrix[1][2]         0.0000000000 
_pdbx_struct_oper_list.matrix[1][3]         0.0000000000 
_pdbx_struct_oper_list.vector[1]            0.0000000000 
_pdbx_struct_oper_list.matrix[2][1]         0.0000000000 
_pdbx_struct_oper_list.matrix[2][2]         1.0000000000 
_pdbx_struct_oper_list.matrix[2][3]         0.0000000000 
_pdbx_struct_oper_list.vector[2]            0.0000000000 
_pdbx_struct_oper_list.matrix[3][1]         0.0000000000 
_pdbx_struct_oper_list.matrix[3][2]         0.0000000000 
_pdbx_struct_oper_list.matrix[3][3]         1.0000000000 
_pdbx_struct_oper_list.vector[3]            0.0000000000 
# 
_struct_biol.id        1 
_struct_biol.details   'Biological unit is the same as asymmetric unit' 
# 
loop_
_struct_conn.id 
_struct_conn.conn_type_id 
_struct_conn.pdbx_leaving_atom_flag 
_struct_conn.pdbx_PDB_id 
_struct_conn.ptnr1_label_asym_id 
_struct_conn.ptnr1_label_comp_id 
_struct_conn.ptnr1_label_seq_id 
_struct_conn.ptnr1_label_atom_id 
_struct_conn.pdbx_ptnr1_label_alt_id 
_struct_conn.pdbx_ptnr1_PDB_ins_code 
_struct_conn.pdbx_ptnr1_standard_comp_id 
_struct_conn.ptnr1_symmetry 
_struct_conn.ptnr2_label_asym_id 
_struct_conn.ptnr2_label_comp_id 
_struct_conn.ptnr2_label_seq_id 
_struct_conn.ptnr2_label_atom_id 
_struct_conn.pdbx_ptnr2_label_alt_id 
_struct_conn.pdbx_ptnr2_PDB_ins_code 
_struct_conn.ptnr1_auth_asym_id 
_struct_conn.ptnr1_auth_comp_id 
_struct_conn.ptnr1_auth_seq_id 
_struct_conn.ptnr2_auth_asym_id 
_struct_conn.ptnr2_auth_comp_id 
_struct_conn.ptnr2_auth_seq_id 
_struct_conn.ptnr2_symmetry 
_struct_conn.pdbx_ptnr3_label_atom_id 
_struct_conn.pdbx_ptnr3_label_seq_id 
_struct_conn.pdbx_ptnr3_label_comp_id 
_struct_conn.pdbx_ptnr3_label_asym_id 
_struct_conn.pdbx_ptnr3_label_alt_id 
_struct_conn.pdbx_ptnr3_PDB_ins_code 
_struct_conn.details 
_struct_conn.pdbx_dist_value 
_struct_conn.pdbx_value_order 
_struct_conn.pdbx_role 
covale1  covale both ? A XTR 4 "O3'" ? ? ? 1_555 A XAR 5 P  ? ? A XTR 4   A XAR 5   1_555 ? ? ? ? ? ? ?            1.572 ? ? 
metalc1  metalc ?    ? C MG  . MG    ? ? ? 1_555 E HOH . O  ? ? A MG  100 A HOH 101 1_555 ? ? ? ? ? ? ?            2.136 ? ? 
metalc2  metalc ?    ? C MG  . MG    ? ? ? 1_555 E HOH . O  ? ? A MG  100 A HOH 102 1_555 ? ? ? ? ? ? ?            2.134 ? ? 
metalc3  metalc ?    ? C MG  . MG    ? ? ? 1_555 E HOH . O  ? ? A MG  100 A HOH 103 1_555 ? ? ? ? ? ? ?            2.130 ? ? 
metalc4  metalc ?    ? C MG  . MG    ? ? ? 1_555 E HOH . O  ? ? A MG  100 A HOH 104 1_555 ? ? ? ? ? ? ?            2.146 ? ? 
metalc5  metalc ?    ? C MG  . MG    ? ? ? 1_555 E HOH . O  ? ? A MG  100 A HOH 105 1_555 ? ? ? ? ? ? ?            2.137 ? ? 
metalc6  metalc ?    ? C MG  . MG    ? ? ? 1_555 E HOH . O  ? ? A MG  100 A HOH 106 1_555 ? ? ? ? ? ? ?            2.141 ? ? 
metalc7  metalc ?    ? D MG  . MG    ? ? ? 1_555 E HOH . O  ? ? A MG  200 A HOH 201 1_555 ? ? ? ? ? ? ?            2.160 ? ? 
metalc8  metalc ?    ? D MG  . MG    ? ? ? 1_555 E HOH . O  ? ? A MG  200 A HOH 202 1_555 ? ? ? ? ? ? ?            2.172 ? ? 
metalc9  metalc ?    ? D MG  . MG    ? ? ? 1_555 E HOH . O  ? ? A MG  200 A HOH 203 1_555 ? ? ? ? ? ? ?            2.176 ? ? 
metalc10 metalc ?    ? D MG  . MG    ? ? ? 1_555 E HOH . O  ? ? A MG  200 A HOH 204 1_555 ? ? ? ? ? ? ?            2.160 ? ? 
metalc11 metalc ?    ? D MG  . MG    ? ? ? 1_555 E HOH . O  ? ? A MG  200 A HOH 205 1_555 ? ? ? ? ? ? ?            2.164 ? ? 
metalc12 metalc ?    ? D MG  . MG    ? ? ? 1_555 E HOH . O  ? ? A MG  200 A HOH 206 1_555 ? ? ? ? ? ? ?            2.163 ? ? 
hydrog1  hydrog ?    ? A XGR 1 N1    ? ? ? 1_555 B C   8 N3 ? ? A XGR 1   B C   8   1_555 ? ? ? ? ? ? WATSON-CRICK ?     ? ? 
hydrog2  hydrog ?    ? A XGR 1 N2    ? ? ? 1_555 B C   8 O2 ? ? A XGR 1   B C   8   1_555 ? ? ? ? ? ? WATSON-CRICK ?     ? ? 
hydrog3  hydrog ?    ? A XGR 1 O6    ? ? ? 1_555 B C   8 N4 ? ? A XGR 1   B C   8   1_555 ? ? ? ? ? ? WATSON-CRICK ?     ? ? 
hydrog4  hydrog ?    ? A XCR 2 N3    ? ? ? 1_555 B G   7 N1 ? ? A XCR 2   B G   7   1_555 ? ? ? ? ? ? WATSON-CRICK ?     ? ? 
hydrog5  hydrog ?    ? A XCR 2 N4    ? ? ? 1_555 B G   7 O6 ? ? A XCR 2   B G   7   1_555 ? ? ? ? ? ? WATSON-CRICK ?     ? ? 
hydrog6  hydrog ?    ? A XCR 2 O2    ? ? ? 1_555 B G   7 N2 ? ? A XCR 2   B G   7   1_555 ? ? ? ? ? ? WATSON-CRICK ?     ? ? 
hydrog7  hydrog ?    ? A XGR 3 N1    ? ? ? 1_555 B C   6 N3 ? ? A XGR 3   B C   6   1_555 ? ? ? ? ? ? WATSON-CRICK ?     ? ? 
hydrog8  hydrog ?    ? A XGR 3 N2    ? ? ? 1_555 B C   6 O2 ? ? A XGR 3   B C   6   1_555 ? ? ? ? ? ? WATSON-CRICK ?     ? ? 
hydrog9  hydrog ?    ? A XGR 3 O6    ? ? ? 1_555 B C   6 N4 ? ? A XGR 3   B C   6   1_555 ? ? ? ? ? ? WATSON-CRICK ?     ? ? 
hydrog10 hydrog ?    ? A XTR 4 N3    ? ? ? 1_555 B A   5 N1 ? ? A XTR 4   B A   5   1_555 ? ? ? ? ? ? WATSON-CRICK ?     ? ? 
hydrog11 hydrog ?    ? A XTR 4 O4    ? ? ? 1_555 B A   5 N6 ? ? A XTR 4   B A   5   1_555 ? ? ? ? ? ? WATSON-CRICK ?     ? ? 
hydrog12 hydrog ?    ? A XGR 6 N1    ? ? ? 1_555 B C   3 N3 ? ? A XGR 6   B C   3   1_555 ? ? ? ? ? ? WATSON-CRICK ?     ? ? 
hydrog13 hydrog ?    ? A XGR 6 N2    ? ? ? 1_555 B C   3 O2 ? ? A XGR 6   B C   3   1_555 ? ? ? ? ? ? WATSON-CRICK ?     ? ? 
hydrog14 hydrog ?    ? A XGR 6 O6    ? ? ? 1_555 B C   3 N4 ? ? A XGR 6   B C   3   1_555 ? ? ? ? ? ? WATSON-CRICK ?     ? ? 
hydrog15 hydrog ?    ? A XCR 7 N3    ? ? ? 1_555 B G   2 N1 ? ? A XCR 7   B G   2   1_555 ? ? ? ? ? ? WATSON-CRICK ?     ? ? 
hydrog16 hydrog ?    ? A XCR 7 N4    ? ? ? 1_555 B G   2 O6 ? ? A XCR 7   B G   2   1_555 ? ? ? ? ? ? WATSON-CRICK ?     ? ? 
hydrog17 hydrog ?    ? A XCR 7 O2    ? ? ? 1_555 B G   2 N2 ? ? A XCR 7   B G   2   1_555 ? ? ? ? ? ? WATSON-CRICK ?     ? ? 
hydrog18 hydrog ?    ? A XGR 8 N1    ? ? ? 1_555 B C   1 N3 ? ? A XGR 8   B C   1   1_555 ? ? ? ? ? ? WATSON-CRICK ?     ? ? 
hydrog19 hydrog ?    ? A XGR 8 N2    ? ? ? 1_555 B C   1 O2 ? ? A XGR 8   B C   1   1_555 ? ? ? ? ? ? WATSON-CRICK ?     ? ? 
hydrog20 hydrog ?    ? A XGR 8 O6    ? ? ? 1_555 B C   1 N4 ? ? A XGR 8   B C   1   1_555 ? ? ? ? ? ? WATSON-CRICK ?     ? ? 
# 
loop_
_struct_conn_type.id 
_struct_conn_type.criteria 
_struct_conn_type.reference 
covale ? ? 
metalc ? ? 
hydrog ? ? 
# 
loop_
_pdbx_struct_conn_angle.id 
_pdbx_struct_conn_angle.ptnr1_label_atom_id 
_pdbx_struct_conn_angle.ptnr1_label_alt_id 
_pdbx_struct_conn_angle.ptnr1_label_asym_id 
_pdbx_struct_conn_angle.ptnr1_label_comp_id 
_pdbx_struct_conn_angle.ptnr1_label_seq_id 
_pdbx_struct_conn_angle.ptnr1_auth_atom_id 
_pdbx_struct_conn_angle.ptnr1_auth_asym_id 
_pdbx_struct_conn_angle.ptnr1_auth_comp_id 
_pdbx_struct_conn_angle.ptnr1_auth_seq_id 
_pdbx_struct_conn_angle.ptnr1_PDB_ins_code 
_pdbx_struct_conn_angle.ptnr1_symmetry 
_pdbx_struct_conn_angle.ptnr2_label_atom_id 
_pdbx_struct_conn_angle.ptnr2_label_alt_id 
_pdbx_struct_conn_angle.ptnr2_label_asym_id 
_pdbx_struct_conn_angle.ptnr2_label_comp_id 
_pdbx_struct_conn_angle.ptnr2_label_seq_id 
_pdbx_struct_conn_angle.ptnr2_auth_atom_id 
_pdbx_struct_conn_angle.ptnr2_auth_asym_id 
_pdbx_struct_conn_angle.ptnr2_auth_comp_id 
_pdbx_struct_conn_angle.ptnr2_auth_seq_id 
_pdbx_struct_conn_angle.ptnr2_PDB_ins_code 
_pdbx_struct_conn_angle.ptnr2_symmetry 
_pdbx_struct_conn_angle.ptnr3_label_atom_id 
_pdbx_struct_conn_angle.ptnr3_label_alt_id 
_pdbx_struct_conn_angle.ptnr3_label_asym_id 
_pdbx_struct_conn_angle.ptnr3_label_comp_id 
_pdbx_struct_conn_angle.ptnr3_label_seq_id 
_pdbx_struct_conn_angle.ptnr3_auth_atom_id 
_pdbx_struct_conn_angle.ptnr3_auth_asym_id 
_pdbx_struct_conn_angle.ptnr3_auth_comp_id 
_pdbx_struct_conn_angle.ptnr3_auth_seq_id 
_pdbx_struct_conn_angle.ptnr3_PDB_ins_code 
_pdbx_struct_conn_angle.ptnr3_symmetry 
_pdbx_struct_conn_angle.value 
_pdbx_struct_conn_angle.value_esd 
1  O ? E HOH . ? A HOH 101 ? 1_555 MG ? C MG . ? A MG 100 ? 1_555 O ? E HOH . ? A HOH 102 ? 1_555 176.6 ? 
2  O ? E HOH . ? A HOH 101 ? 1_555 MG ? C MG . ? A MG 100 ? 1_555 O ? E HOH . ? A HOH 103 ? 1_555 92.0  ? 
3  O ? E HOH . ? A HOH 102 ? 1_555 MG ? C MG . ? A MG 100 ? 1_555 O ? E HOH . ? A HOH 103 ? 1_555 86.0  ? 
4  O ? E HOH . ? A HOH 101 ? 1_555 MG ? C MG . ? A MG 100 ? 1_555 O ? E HOH . ? A HOH 104 ? 1_555 92.6  ? 
5  O ? E HOH . ? A HOH 102 ? 1_555 MG ? C MG . ? A MG 100 ? 1_555 O ? E HOH . ? A HOH 104 ? 1_555 90.0  ? 
6  O ? E HOH . ? A HOH 103 ? 1_555 MG ? C MG . ? A MG 100 ? 1_555 O ? E HOH . ? A HOH 104 ? 1_555 90.3  ? 
7  O ? E HOH . ? A HOH 101 ? 1_555 MG ? C MG . ? A MG 100 ? 1_555 O ? E HOH . ? A HOH 105 ? 1_555 90.9  ? 
8  O ? E HOH . ? A HOH 102 ? 1_555 MG ? C MG . ? A MG 100 ? 1_555 O ? E HOH . ? A HOH 105 ? 1_555 86.5  ? 
9  O ? E HOH . ? A HOH 103 ? 1_555 MG ? C MG . ? A MG 100 ? 1_555 O ? E HOH . ? A HOH 105 ? 1_555 90.9  ? 
10 O ? E HOH . ? A HOH 104 ? 1_555 MG ? C MG . ? A MG 100 ? 1_555 O ? E HOH . ? A HOH 105 ? 1_555 176.2 ? 
11 O ? E HOH . ? A HOH 101 ? 1_555 MG ? C MG . ? A MG 100 ? 1_555 O ? E HOH . ? A HOH 106 ? 1_555 86.1  ? 
12 O ? E HOH . ? A HOH 102 ? 1_555 MG ? C MG . ? A MG 100 ? 1_555 O ? E HOH . ? A HOH 106 ? 1_555 96.1  ? 
13 O ? E HOH . ? A HOH 103 ? 1_555 MG ? C MG . ? A MG 100 ? 1_555 O ? E HOH . ? A HOH 106 ? 1_555 177.4 ? 
14 O ? E HOH . ? A HOH 104 ? 1_555 MG ? C MG . ? A MG 100 ? 1_555 O ? E HOH . ? A HOH 106 ? 1_555 88.1  ? 
15 O ? E HOH . ? A HOH 105 ? 1_555 MG ? C MG . ? A MG 100 ? 1_555 O ? E HOH . ? A HOH 106 ? 1_555 90.8  ? 
16 O ? E HOH . ? A HOH 201 ? 1_555 MG ? D MG . ? A MG 200 ? 1_555 O ? E HOH . ? A HOH 202 ? 1_555 179.4 ? 
17 O ? E HOH . ? A HOH 201 ? 1_555 MG ? D MG . ? A MG 200 ? 1_555 O ? E HOH . ? A HOH 203 ? 1_555 89.5  ? 
18 O ? E HOH . ? A HOH 202 ? 1_555 MG ? D MG . ? A MG 200 ? 1_555 O ? E HOH . ? A HOH 203 ? 1_555 90.0  ? 
19 O ? E HOH . ? A HOH 201 ? 1_555 MG ? D MG . ? A MG 200 ? 1_555 O ? E HOH . ? A HOH 204 ? 1_555 90.8  ? 
20 O ? E HOH . ? A HOH 202 ? 1_555 MG ? D MG . ? A MG 200 ? 1_555 O ? E HOH . ? A HOH 204 ? 1_555 88.8  ? 
21 O ? E HOH . ? A HOH 203 ? 1_555 MG ? D MG . ? A MG 200 ? 1_555 O ? E HOH . ? A HOH 204 ? 1_555 88.5  ? 
22 O ? E HOH . ? A HOH 201 ? 1_555 MG ? D MG . ? A MG 200 ? 1_555 O ? E HOH . ? A HOH 205 ? 1_555 89.1  ? 
23 O ? E HOH . ? A HOH 202 ? 1_555 MG ? D MG . ? A MG 200 ? 1_555 O ? E HOH . ? A HOH 205 ? 1_555 91.3  ? 
24 O ? E HOH . ? A HOH 203 ? 1_555 MG ? D MG . ? A MG 200 ? 1_555 O ? E HOH . ? A HOH 205 ? 1_555 92.6  ? 
25 O ? E HOH . ? A HOH 204 ? 1_555 MG ? D MG . ? A MG 200 ? 1_555 O ? E HOH . ? A HOH 205 ? 1_555 178.9 ? 
26 O ? E HOH . ? A HOH 201 ? 1_555 MG ? D MG . ? A MG 200 ? 1_555 O ? E HOH . ? A HOH 206 ? 1_555 93.2  ? 
27 O ? E HOH . ? A HOH 202 ? 1_555 MG ? D MG . ? A MG 200 ? 1_555 O ? E HOH . ? A HOH 206 ? 1_555 87.2  ? 
28 O ? E HOH . ? A HOH 203 ? 1_555 MG ? D MG . ? A MG 200 ? 1_555 O ? E HOH . ? A HOH 206 ? 1_555 176.4 ? 
29 O ? E HOH . ? A HOH 204 ? 1_555 MG ? D MG . ? A MG 200 ? 1_555 O ? E HOH . ? A HOH 206 ? 1_555 89.0  ? 
30 O ? E HOH . ? A HOH 205 ? 1_555 MG ? D MG . ? A MG 200 ? 1_555 O ? E HOH . ? A HOH 206 ? 1_555 89.9  ? 
# 
loop_
_struct_site.id 
_struct_site.pdbx_evidence_code 
_struct_site.pdbx_auth_asym_id 
_struct_site.pdbx_auth_comp_id 
_struct_site.pdbx_auth_seq_id 
_struct_site.pdbx_auth_ins_code 
_struct_site.pdbx_num_residues 
_struct_site.details 
AC1 Software A MG 100 ? 6  'BINDING SITE FOR RESIDUE MG A 100' 
AC2 Software A MG 200 ? 12 'BINDING SITE FOR RESIDUE MG A 200' 
# 
loop_
_struct_site_gen.id 
_struct_site_gen.site_id 
_struct_site_gen.pdbx_num_res 
_struct_site_gen.label_comp_id 
_struct_site_gen.label_asym_id 
_struct_site_gen.label_seq_id 
_struct_site_gen.pdbx_auth_ins_code 
_struct_site_gen.auth_comp_id 
_struct_site_gen.auth_asym_id 
_struct_site_gen.auth_seq_id 
_struct_site_gen.label_atom_id 
_struct_site_gen.label_alt_id 
_struct_site_gen.symmetry 
_struct_site_gen.details 
1  AC1 6  HOH E . ? HOH A 101 . ? 1_555 ? 
2  AC1 6  HOH E . ? HOH A 102 . ? 1_555 ? 
3  AC1 6  HOH E . ? HOH A 103 . ? 1_555 ? 
4  AC1 6  HOH E . ? HOH A 104 . ? 1_555 ? 
5  AC1 6  HOH E . ? HOH A 105 . ? 1_555 ? 
6  AC1 6  HOH E . ? HOH A 106 . ? 1_555 ? 
7  AC2 12 HOH E . ? HOH A 201 . ? 1_555 ? 
8  AC2 12 HOH E . ? HOH A 201 . ? 5_555 ? 
9  AC2 12 HOH E . ? HOH A 202 . ? 1_555 ? 
10 AC2 12 HOH E . ? HOH A 202 . ? 5_555 ? 
11 AC2 12 HOH E . ? HOH A 203 . ? 1_555 ? 
12 AC2 12 HOH E . ? HOH A 203 . ? 5_555 ? 
13 AC2 12 HOH E . ? HOH A 204 . ? 5_555 ? 
14 AC2 12 HOH E . ? HOH A 204 . ? 1_555 ? 
15 AC2 12 HOH E . ? HOH A 205 . ? 5_555 ? 
16 AC2 12 HOH E . ? HOH A 205 . ? 1_555 ? 
17 AC2 12 HOH E . ? HOH A 206 . ? 5_555 ? 
18 AC2 12 HOH E . ? HOH A 206 . ? 1_555 ? 
# 
_pdbx_validate_rmsd_bond.id                        1 
_pdbx_validate_rmsd_bond.PDB_model_num             1 
_pdbx_validate_rmsd_bond.auth_atom_id_1            "C5'" 
_pdbx_validate_rmsd_bond.auth_asym_id_1            B 
_pdbx_validate_rmsd_bond.auth_comp_id_1            U 
_pdbx_validate_rmsd_bond.auth_seq_id_1             4 
_pdbx_validate_rmsd_bond.PDB_ins_code_1            ? 
_pdbx_validate_rmsd_bond.label_alt_id_1            ? 
_pdbx_validate_rmsd_bond.auth_atom_id_2            "C4'" 
_pdbx_validate_rmsd_bond.auth_asym_id_2            B 
_pdbx_validate_rmsd_bond.auth_comp_id_2            U 
_pdbx_validate_rmsd_bond.auth_seq_id_2             4 
_pdbx_validate_rmsd_bond.PDB_ins_code_2            ? 
_pdbx_validate_rmsd_bond.label_alt_id_2            ? 
_pdbx_validate_rmsd_bond.bond_value                1.465 
_pdbx_validate_rmsd_bond.bond_target_value         1.508 
_pdbx_validate_rmsd_bond.bond_deviation            -0.043 
_pdbx_validate_rmsd_bond.bond_standard_deviation   0.007 
_pdbx_validate_rmsd_bond.linker_flag               N 
# 
loop_
_pdbx_struct_mod_residue.id 
_pdbx_struct_mod_residue.label_asym_id 
_pdbx_struct_mod_residue.label_comp_id 
_pdbx_struct_mod_residue.label_seq_id 
_pdbx_struct_mod_residue.auth_asym_id 
_pdbx_struct_mod_residue.auth_comp_id 
_pdbx_struct_mod_residue.auth_seq_id 
_pdbx_struct_mod_residue.PDB_ins_code 
_pdbx_struct_mod_residue.parent_comp_id 
_pdbx_struct_mod_residue.details 
1 A XGR 1 A XGR 1 ? DG ? 
2 A XCR 2 A XCR 2 ? DC ? 
3 A XGR 3 A XGR 3 ? DG ? 
4 A XTR 4 A XTR 4 ? DT ? 
5 A XGR 6 A XGR 6 ? DG ? 
6 A XCR 7 A XCR 7 ? DC ? 
7 A XGR 8 A XGR 8 ? DG ? 
8 A XGR 9 A XGR 9 ? DG ? 
# 
_pdbx_struct_special_symmetry.id              1 
_pdbx_struct_special_symmetry.PDB_model_num   1 
_pdbx_struct_special_symmetry.auth_asym_id    A 
_pdbx_struct_special_symmetry.auth_comp_id    MG 
_pdbx_struct_special_symmetry.auth_seq_id     200 
_pdbx_struct_special_symmetry.PDB_ins_code    ? 
_pdbx_struct_special_symmetry.label_asym_id   D 
_pdbx_struct_special_symmetry.label_comp_id   MG 
_pdbx_struct_special_symmetry.label_seq_id    . 
# 
_pdbx_phasing_MR.entry_id                     3KNC 
_pdbx_phasing_MR.method_rotation              ? 
_pdbx_phasing_MR.method_translation           ? 
_pdbx_phasing_MR.model_details                'Phaser MODE: MR_AUTO' 
_pdbx_phasing_MR.R_factor                     31.370 
_pdbx_phasing_MR.R_rigid_body                 ? 
_pdbx_phasing_MR.correlation_coeff_Fo_to_Fc   ? 
_pdbx_phasing_MR.correlation_coeff_Io_to_Ic   ? 
_pdbx_phasing_MR.d_res_high_rotation          2.500 
_pdbx_phasing_MR.d_res_low_rotation           24.900 
_pdbx_phasing_MR.d_res_high_translation       2.500 
_pdbx_phasing_MR.d_res_low_translation        24.900 
_pdbx_phasing_MR.packing                      ? 
_pdbx_phasing_MR.reflns_percent_rotation      ? 
_pdbx_phasing_MR.reflns_percent_translation   ? 
_pdbx_phasing_MR.sigma_F_rotation             ? 
_pdbx_phasing_MR.sigma_F_translation          ? 
_pdbx_phasing_MR.sigma_I_rotation             ? 
_pdbx_phasing_MR.sigma_I_translation          ? 
# 
_phasing.method   MR 
# 
loop_
_chem_comp_atom.comp_id 
_chem_comp_atom.atom_id 
_chem_comp_atom.type_symbol 
_chem_comp_atom.pdbx_aromatic_flag 
_chem_comp_atom.pdbx_stereo_config 
_chem_comp_atom.pdbx_ordinal 
A   OP3    O  N N 1   
A   P      P  N N 2   
A   OP1    O  N N 3   
A   OP2    O  N N 4   
A   "O5'"  O  N N 5   
A   "C5'"  C  N N 6   
A   "C4'"  C  N R 7   
A   "O4'"  O  N N 8   
A   "C3'"  C  N S 9   
A   "O3'"  O  N N 10  
A   "C2'"  C  N R 11  
A   "O2'"  O  N N 12  
A   "C1'"  C  N R 13  
A   N9     N  Y N 14  
A   C8     C  Y N 15  
A   N7     N  Y N 16  
A   C5     C  Y N 17  
A   C6     C  Y N 18  
A   N6     N  N N 19  
A   N1     N  Y N 20  
A   C2     C  Y N 21  
A   N3     N  Y N 22  
A   C4     C  Y N 23  
A   HOP3   H  N N 24  
A   HOP2   H  N N 25  
A   "H5'"  H  N N 26  
A   "H5''" H  N N 27  
A   "H4'"  H  N N 28  
A   "H3'"  H  N N 29  
A   "HO3'" H  N N 30  
A   "H2'"  H  N N 31  
A   "HO2'" H  N N 32  
A   "H1'"  H  N N 33  
A   H8     H  N N 34  
A   H61    H  N N 35  
A   H62    H  N N 36  
A   H2     H  N N 37  
C   OP3    O  N N 38  
C   P      P  N N 39  
C   OP1    O  N N 40  
C   OP2    O  N N 41  
C   "O5'"  O  N N 42  
C   "C5'"  C  N N 43  
C   "C4'"  C  N R 44  
C   "O4'"  O  N N 45  
C   "C3'"  C  N S 46  
C   "O3'"  O  N N 47  
C   "C2'"  C  N R 48  
C   "O2'"  O  N N 49  
C   "C1'"  C  N R 50  
C   N1     N  N N 51  
C   C2     C  N N 52  
C   O2     O  N N 53  
C   N3     N  N N 54  
C   C4     C  N N 55  
C   N4     N  N N 56  
C   C5     C  N N 57  
C   C6     C  N N 58  
C   HOP3   H  N N 59  
C   HOP2   H  N N 60  
C   "H5'"  H  N N 61  
C   "H5''" H  N N 62  
C   "H4'"  H  N N 63  
C   "H3'"  H  N N 64  
C   "HO3'" H  N N 65  
C   "H2'"  H  N N 66  
C   "HO2'" H  N N 67  
C   "H1'"  H  N N 68  
C   H41    H  N N 69  
C   H42    H  N N 70  
C   H5     H  N N 71  
C   H6     H  N N 72  
DT  OP3    O  N N 73  
DT  P      P  N N 74  
DT  OP1    O  N N 75  
DT  OP2    O  N N 76  
DT  "O5'"  O  N N 77  
DT  "C5'"  C  N N 78  
DT  "C4'"  C  N R 79  
DT  "O4'"  O  N N 80  
DT  "C3'"  C  N S 81  
DT  "O3'"  O  N N 82  
DT  "C2'"  C  N N 83  
DT  "C1'"  C  N R 84  
DT  N1     N  N N 85  
DT  C2     C  N N 86  
DT  O2     O  N N 87  
DT  N3     N  N N 88  
DT  C4     C  N N 89  
DT  O4     O  N N 90  
DT  C5     C  N N 91  
DT  C7     C  N N 92  
DT  C6     C  N N 93  
DT  HOP3   H  N N 94  
DT  HOP2   H  N N 95  
DT  "H5'"  H  N N 96  
DT  "H5''" H  N N 97  
DT  "H4'"  H  N N 98  
DT  "H3'"  H  N N 99  
DT  "HO3'" H  N N 100 
DT  "H2'"  H  N N 101 
DT  "H2''" H  N N 102 
DT  "H1'"  H  N N 103 
DT  H3     H  N N 104 
DT  H71    H  N N 105 
DT  H72    H  N N 106 
DT  H73    H  N N 107 
DT  H6     H  N N 108 
G   OP3    O  N N 109 
G   P      P  N N 110 
G   OP1    O  N N 111 
G   OP2    O  N N 112 
G   "O5'"  O  N N 113 
G   "C5'"  C  N N 114 
G   "C4'"  C  N R 115 
G   "O4'"  O  N N 116 
G   "C3'"  C  N S 117 
G   "O3'"  O  N N 118 
G   "C2'"  C  N R 119 
G   "O2'"  O  N N 120 
G   "C1'"  C  N R 121 
G   N9     N  Y N 122 
G   C8     C  Y N 123 
G   N7     N  Y N 124 
G   C5     C  Y N 125 
G   C6     C  N N 126 
G   O6     O  N N 127 
G   N1     N  N N 128 
G   C2     C  N N 129 
G   N2     N  N N 130 
G   N3     N  N N 131 
G   C4     C  Y N 132 
G   HOP3   H  N N 133 
G   HOP2   H  N N 134 
G   "H5'"  H  N N 135 
G   "H5''" H  N N 136 
G   "H4'"  H  N N 137 
G   "H3'"  H  N N 138 
G   "HO3'" H  N N 139 
G   "H2'"  H  N N 140 
G   "HO2'" H  N N 141 
G   "H1'"  H  N N 142 
G   H8     H  N N 143 
G   H1     H  N N 144 
G   H21    H  N N 145 
G   H22    H  N N 146 
HOH O      O  N N 147 
HOH H1     H  N N 148 
HOH H2     H  N N 149 
MG  MG     MG N N 150 
U   OP3    O  N N 151 
U   P      P  N N 152 
U   OP1    O  N N 153 
U   OP2    O  N N 154 
U   "O5'"  O  N N 155 
U   "C5'"  C  N N 156 
U   "C4'"  C  N R 157 
U   "O4'"  O  N N 158 
U   "C3'"  C  N S 159 
U   "O3'"  O  N N 160 
U   "C2'"  C  N R 161 
U   "O2'"  O  N N 162 
U   "C1'"  C  N R 163 
U   N1     N  N N 164 
U   C2     C  N N 165 
U   O2     O  N N 166 
U   N3     N  N N 167 
U   C4     C  N N 168 
U   O4     O  N N 169 
U   C5     C  N N 170 
U   C6     C  N N 171 
U   HOP3   H  N N 172 
U   HOP2   H  N N 173 
U   "H5'"  H  N N 174 
U   "H5''" H  N N 175 
U   "H4'"  H  N N 176 
U   "H3'"  H  N N 177 
U   "HO3'" H  N N 178 
U   "H2'"  H  N N 179 
U   "HO2'" H  N N 180 
U   "H1'"  H  N N 181 
U   H3     H  N N 182 
U   H5     H  N N 183 
U   H6     H  N N 184 
XAR O3P    O  N N 185 
XAR O1P    O  N N 186 
XAR P      P  N N 187 
XAR O2P    O  N N 188 
XAR "O5'"  O  N N 189 
XAR "C5'"  C  N N 190 
XAR "C4'"  C  N R 191 
XAR "C3'"  C  N S 192 
XAR "O3'"  O  N N 193 
XAR "C2'"  C  N N 194 
XAR "C1'"  C  N S 195 
XAR "C7'"  C  N N 196 
XAR "C6'"  C  N N 197 
XAR N9     N  Y N 198 
XAR C8     C  Y N 199 
XAR N7     N  Y N 200 
XAR C5     C  Y N 201 
XAR C4     C  Y N 202 
XAR N3     N  Y N 203 
XAR C6     C  Y N 204 
XAR N6     N  N N 205 
XAR N1     N  Y N 206 
XAR C2     C  Y N 207 
XAR HOP3   H  N N 208 
XAR HOP2   H  N N 209 
XAR "H5'1" H  N N 210 
XAR "H5'2" H  N N 211 
XAR "H4'"  H  N N 212 
XAR "H3'"  H  N N 213 
XAR H3T    H  N N 214 
XAR "H2'1" H  N N 215 
XAR "H2'2" H  N N 216 
XAR "H1'"  H  N N 217 
XAR "H7'"  H  N N 218 
XAR "H6'"  H  N N 219 
XAR H8     H  N N 220 
XAR HN61   H  N N 221 
XAR HN62   H  N N 222 
XAR H2     H  N N 223 
XCR P      P  N N 224 
XCR N1     N  N N 225 
XCR C2     C  N N 226 
XCR O2     O  N N 227 
XCR N3     N  N N 228 
XCR C4     C  N N 229 
XCR N4     N  N N 230 
XCR C5     C  N N 231 
XCR C6     C  N N 232 
XCR "C1'"  C  N S 233 
XCR "C2'"  C  N N 234 
XCR "C3'"  C  N S 235 
XCR "O3'"  O  N N 236 
XCR "C4'"  C  N R 237 
XCR "C5'"  C  N N 238 
XCR "O5'"  O  N N 239 
XCR "C6'"  C  N N 240 
XCR "C7'"  C  N N 241 
XCR OP1    O  N N 242 
XCR OP2    O  N N 243 
XCR OP3    O  N N 244 
XCR HN4    H  N N 245 
XCR HN4A   H  N N 246 
XCR H5     H  N N 247 
XCR H6     H  N N 248 
XCR "H1'"  H  N N 249 
XCR "H2'"  H  N N 250 
XCR "H2'A" H  N N 251 
XCR "H3'"  H  N N 252 
XCR "HO3'" H  N N 253 
XCR "H4'"  H  N N 254 
XCR "H5'"  H  N N 255 
XCR "H5'A" H  N N 256 
XCR "H6'"  H  N N 257 
XCR "H7'"  H  N N 258 
XCR HOP1   H  N N 259 
XCR HOP3   H  N N 260 
XGR P      P  N N 261 
XGR N1     N  N N 262 
XGR C2     C  N N 263 
XGR N2     N  N N 264 
XGR N3     N  N N 265 
XGR C4     C  Y N 266 
XGR C5     C  Y N 267 
XGR C6     C  N N 268 
XGR O6     O  N N 269 
XGR N7     N  Y N 270 
XGR C8     C  Y N 271 
XGR N9     N  Y N 272 
XGR "C1'"  C  N S 273 
XGR "C2'"  C  N N 274 
XGR "C3'"  C  N S 275 
XGR "O3'"  O  N N 276 
XGR "C4'"  C  N R 277 
XGR "C5'"  C  N N 278 
XGR "O5'"  O  N N 279 
XGR "C6'"  C  N N 280 
XGR "C7'"  C  N N 281 
XGR OP1    O  N N 282 
XGR OP2    O  N N 283 
XGR OP3    O  N N 284 
XGR HN1    H  N N 285 
XGR HN2    H  N N 286 
XGR HN2A   H  N N 287 
XGR H8     H  N N 288 
XGR "H1'"  H  N N 289 
XGR "H2'"  H  N N 290 
XGR "H2'A" H  N N 291 
XGR "H3'"  H  N N 292 
XGR "HO3'" H  N N 293 
XGR "H4'"  H  N N 294 
XGR "H5'"  H  N N 295 
XGR "H5'A" H  N N 296 
XGR "H6'"  H  N N 297 
XGR "H7'"  H  N N 298 
XGR HOP1   H  N N 299 
XGR HOP3   H  N N 300 
XTR OP3    O  N N 301 
XTR "C4'"  C  N R 302 
XTR "C7'"  C  N N 303 
XTR "C6'"  C  N N 304 
XTR "C1'"  C  N S 305 
XTR O4     O  N N 306 
XTR C4     C  N N 307 
XTR C5     C  N N 308 
XTR C5M    C  N N 309 
XTR C6     C  N N 310 
XTR N3     N  N N 311 
XTR C2     C  N N 312 
XTR O2     O  N N 313 
XTR N1     N  N N 314 
XTR "C2'"  C  N N 315 
XTR "C3'"  C  N S 316 
XTR P      P  N N 317 
XTR OP1    O  N N 318 
XTR OP2    O  N N 319 
XTR "O5'"  O  N N 320 
XTR "C5'"  C  N N 321 
XTR "O3'"  O  N N 322 
XTR HOP3   H  N N 323 
XTR "H4'"  H  N N 324 
XTR "H7'"  H  N N 325 
XTR "H6'"  H  N N 326 
XTR "H1'"  H  N N 327 
XTR H5M    H  N N 328 
XTR H5MA   H  N N 329 
XTR H5MB   H  N N 330 
XTR H6     H  N N 331 
XTR HN3    H  N N 332 
XTR "H2'"  H  N N 333 
XTR "H2'A" H  N N 334 
XTR "H3'"  H  N N 335 
XTR "H5'"  H  N N 336 
XTR "H5'A" H  N N 337 
XTR "HO3'" H  N N 338 
XTR HOP2   H  N N 339 
# 
loop_
_chem_comp_bond.comp_id 
_chem_comp_bond.atom_id_1 
_chem_comp_bond.atom_id_2 
_chem_comp_bond.value_order 
_chem_comp_bond.pdbx_aromatic_flag 
_chem_comp_bond.pdbx_stereo_config 
_chem_comp_bond.pdbx_ordinal 
A   OP3   P      sing N N 1   
A   OP3   HOP3   sing N N 2   
A   P     OP1    doub N N 3   
A   P     OP2    sing N N 4   
A   P     "O5'"  sing N N 5   
A   OP2   HOP2   sing N N 6   
A   "O5'" "C5'"  sing N N 7   
A   "C5'" "C4'"  sing N N 8   
A   "C5'" "H5'"  sing N N 9   
A   "C5'" "H5''" sing N N 10  
A   "C4'" "O4'"  sing N N 11  
A   "C4'" "C3'"  sing N N 12  
A   "C4'" "H4'"  sing N N 13  
A   "O4'" "C1'"  sing N N 14  
A   "C3'" "O3'"  sing N N 15  
A   "C3'" "C2'"  sing N N 16  
A   "C3'" "H3'"  sing N N 17  
A   "O3'" "HO3'" sing N N 18  
A   "C2'" "O2'"  sing N N 19  
A   "C2'" "C1'"  sing N N 20  
A   "C2'" "H2'"  sing N N 21  
A   "O2'" "HO2'" sing N N 22  
A   "C1'" N9     sing N N 23  
A   "C1'" "H1'"  sing N N 24  
A   N9    C8     sing Y N 25  
A   N9    C4     sing Y N 26  
A   C8    N7     doub Y N 27  
A   C8    H8     sing N N 28  
A   N7    C5     sing Y N 29  
A   C5    C6     sing Y N 30  
A   C5    C4     doub Y N 31  
A   C6    N6     sing N N 32  
A   C6    N1     doub Y N 33  
A   N6    H61    sing N N 34  
A   N6    H62    sing N N 35  
A   N1    C2     sing Y N 36  
A   C2    N3     doub Y N 37  
A   C2    H2     sing N N 38  
A   N3    C4     sing Y N 39  
C   OP3   P      sing N N 40  
C   OP3   HOP3   sing N N 41  
C   P     OP1    doub N N 42  
C   P     OP2    sing N N 43  
C   P     "O5'"  sing N N 44  
C   OP2   HOP2   sing N N 45  
C   "O5'" "C5'"  sing N N 46  
C   "C5'" "C4'"  sing N N 47  
C   "C5'" "H5'"  sing N N 48  
C   "C5'" "H5''" sing N N 49  
C   "C4'" "O4'"  sing N N 50  
C   "C4'" "C3'"  sing N N 51  
C   "C4'" "H4'"  sing N N 52  
C   "O4'" "C1'"  sing N N 53  
C   "C3'" "O3'"  sing N N 54  
C   "C3'" "C2'"  sing N N 55  
C   "C3'" "H3'"  sing N N 56  
C   "O3'" "HO3'" sing N N 57  
C   "C2'" "O2'"  sing N N 58  
C   "C2'" "C1'"  sing N N 59  
C   "C2'" "H2'"  sing N N 60  
C   "O2'" "HO2'" sing N N 61  
C   "C1'" N1     sing N N 62  
C   "C1'" "H1'"  sing N N 63  
C   N1    C2     sing N N 64  
C   N1    C6     sing N N 65  
C   C2    O2     doub N N 66  
C   C2    N3     sing N N 67  
C   N3    C4     doub N N 68  
C   C4    N4     sing N N 69  
C   C4    C5     sing N N 70  
C   N4    H41    sing N N 71  
C   N4    H42    sing N N 72  
C   C5    C6     doub N N 73  
C   C5    H5     sing N N 74  
C   C6    H6     sing N N 75  
DT  OP3   P      sing N N 76  
DT  OP3   HOP3   sing N N 77  
DT  P     OP1    doub N N 78  
DT  P     OP2    sing N N 79  
DT  P     "O5'"  sing N N 80  
DT  OP2   HOP2   sing N N 81  
DT  "O5'" "C5'"  sing N N 82  
DT  "C5'" "C4'"  sing N N 83  
DT  "C5'" "H5'"  sing N N 84  
DT  "C5'" "H5''" sing N N 85  
DT  "C4'" "O4'"  sing N N 86  
DT  "C4'" "C3'"  sing N N 87  
DT  "C4'" "H4'"  sing N N 88  
DT  "O4'" "C1'"  sing N N 89  
DT  "C3'" "O3'"  sing N N 90  
DT  "C3'" "C2'"  sing N N 91  
DT  "C3'" "H3'"  sing N N 92  
DT  "O3'" "HO3'" sing N N 93  
DT  "C2'" "C1'"  sing N N 94  
DT  "C2'" "H2'"  sing N N 95  
DT  "C2'" "H2''" sing N N 96  
DT  "C1'" N1     sing N N 97  
DT  "C1'" "H1'"  sing N N 98  
DT  N1    C2     sing N N 99  
DT  N1    C6     sing N N 100 
DT  C2    O2     doub N N 101 
DT  C2    N3     sing N N 102 
DT  N3    C4     sing N N 103 
DT  N3    H3     sing N N 104 
DT  C4    O4     doub N N 105 
DT  C4    C5     sing N N 106 
DT  C5    C7     sing N N 107 
DT  C5    C6     doub N N 108 
DT  C7    H71    sing N N 109 
DT  C7    H72    sing N N 110 
DT  C7    H73    sing N N 111 
DT  C6    H6     sing N N 112 
G   OP3   P      sing N N 113 
G   OP3   HOP3   sing N N 114 
G   P     OP1    doub N N 115 
G   P     OP2    sing N N 116 
G   P     "O5'"  sing N N 117 
G   OP2   HOP2   sing N N 118 
G   "O5'" "C5'"  sing N N 119 
G   "C5'" "C4'"  sing N N 120 
G   "C5'" "H5'"  sing N N 121 
G   "C5'" "H5''" sing N N 122 
G   "C4'" "O4'"  sing N N 123 
G   "C4'" "C3'"  sing N N 124 
G   "C4'" "H4'"  sing N N 125 
G   "O4'" "C1'"  sing N N 126 
G   "C3'" "O3'"  sing N N 127 
G   "C3'" "C2'"  sing N N 128 
G   "C3'" "H3'"  sing N N 129 
G   "O3'" "HO3'" sing N N 130 
G   "C2'" "O2'"  sing N N 131 
G   "C2'" "C1'"  sing N N 132 
G   "C2'" "H2'"  sing N N 133 
G   "O2'" "HO2'" sing N N 134 
G   "C1'" N9     sing N N 135 
G   "C1'" "H1'"  sing N N 136 
G   N9    C8     sing Y N 137 
G   N9    C4     sing Y N 138 
G   C8    N7     doub Y N 139 
G   C8    H8     sing N N 140 
G   N7    C5     sing Y N 141 
G   C5    C6     sing N N 142 
G   C5    C4     doub Y N 143 
G   C6    O6     doub N N 144 
G   C6    N1     sing N N 145 
G   N1    C2     sing N N 146 
G   N1    H1     sing N N 147 
G   C2    N2     sing N N 148 
G   C2    N3     doub N N 149 
G   N2    H21    sing N N 150 
G   N2    H22    sing N N 151 
G   N3    C4     sing N N 152 
HOH O     H1     sing N N 153 
HOH O     H2     sing N N 154 
U   OP3   P      sing N N 155 
U   OP3   HOP3   sing N N 156 
U   P     OP1    doub N N 157 
U   P     OP2    sing N N 158 
U   P     "O5'"  sing N N 159 
U   OP2   HOP2   sing N N 160 
U   "O5'" "C5'"  sing N N 161 
U   "C5'" "C4'"  sing N N 162 
U   "C5'" "H5'"  sing N N 163 
U   "C5'" "H5''" sing N N 164 
U   "C4'" "O4'"  sing N N 165 
U   "C4'" "C3'"  sing N N 166 
U   "C4'" "H4'"  sing N N 167 
U   "O4'" "C1'"  sing N N 168 
U   "C3'" "O3'"  sing N N 169 
U   "C3'" "C2'"  sing N N 170 
U   "C3'" "H3'"  sing N N 171 
U   "O3'" "HO3'" sing N N 172 
U   "C2'" "O2'"  sing N N 173 
U   "C2'" "C1'"  sing N N 174 
U   "C2'" "H2'"  sing N N 175 
U   "O2'" "HO2'" sing N N 176 
U   "C1'" N1     sing N N 177 
U   "C1'" "H1'"  sing N N 178 
U   N1    C2     sing N N 179 
U   N1    C6     sing N N 180 
U   C2    O2     doub N N 181 
U   C2    N3     sing N N 182 
U   N3    C4     sing N N 183 
U   N3    H3     sing N N 184 
U   C4    O4     doub N N 185 
U   C4    C5     sing N N 186 
U   C5    C6     doub N N 187 
U   C5    H5     sing N N 188 
U   C6    H6     sing N N 189 
XAR O3P   P      sing N N 190 
XAR O3P   HOP3   sing N N 191 
XAR O1P   P      doub N N 192 
XAR P     O2P    sing N N 193 
XAR P     "O5'"  sing N N 194 
XAR O2P   HOP2   sing N N 195 
XAR "O5'" "C5'"  sing N N 196 
XAR "C5'" "C4'"  sing N N 197 
XAR "C5'" "H5'1" sing N N 198 
XAR "C5'" "H5'2" sing N N 199 
XAR "C4'" "C6'"  sing N N 200 
XAR "C4'" "C3'"  sing N N 201 
XAR "C4'" "H4'"  sing N N 202 
XAR "C3'" "O3'"  sing N N 203 
XAR "C3'" "C2'"  sing N N 204 
XAR "C3'" "H3'"  sing N N 205 
XAR "O3'" H3T    sing N N 206 
XAR "C2'" "C1'"  sing N N 207 
XAR "C2'" "H2'1" sing N N 208 
XAR "C2'" "H2'2" sing N N 209 
XAR "C1'" "C7'"  sing N N 210 
XAR "C1'" N9     sing N N 211 
XAR "C1'" "H1'"  sing N N 212 
XAR "C7'" "C6'"  doub N N 213 
XAR "C7'" "H7'"  sing N N 214 
XAR "C6'" "H6'"  sing N N 215 
XAR N9    C8     sing Y N 216 
XAR N9    C4     sing Y N 217 
XAR C8    N7     doub Y N 218 
XAR C8    H8     sing N N 219 
XAR N7    C5     sing Y N 220 
XAR C5    C4     doub Y N 221 
XAR C5    C6     sing Y N 222 
XAR C4    N3     sing Y N 223 
XAR N3    C2     doub Y N 224 
XAR C6    N1     doub Y N 225 
XAR C6    N6     sing N N 226 
XAR N6    HN61   sing N N 227 
XAR N6    HN62   sing N N 228 
XAR N1    C2     sing Y N 229 
XAR C2    H2     sing N N 230 
XCR OP2   P      doub N N 231 
XCR "O5'" P      sing N N 232 
XCR OP3   P      sing N N 233 
XCR P     OP1    sing N N 234 
XCR C2    N1     sing N N 235 
XCR N1    C6     sing N N 236 
XCR N1    "C1'"  sing N N 237 
XCR N3    C2     sing N N 238 
XCR O2    C2     doub N N 239 
XCR N3    C4     doub N N 240 
XCR N4    C4     sing N N 241 
XCR C4    C5     sing N N 242 
XCR N4    HN4    sing N N 243 
XCR N4    HN4A   sing N N 244 
XCR C5    C6     doub N N 245 
XCR C5    H5     sing N N 246 
XCR C6    H6     sing N N 247 
XCR "C1'" "C7'"  sing N N 248 
XCR "C1'" "C2'"  sing N N 249 
XCR "C1'" "H1'"  sing N N 250 
XCR "C2'" "C3'"  sing N N 251 
XCR "C2'" "H2'"  sing N N 252 
XCR "C2'" "H2'A" sing N N 253 
XCR "C3'" "C4'"  sing N N 254 
XCR "C3'" "O3'"  sing N N 255 
XCR "C3'" "H3'"  sing N N 256 
XCR "O3'" "HO3'" sing N N 257 
XCR "C6'" "C4'"  sing N N 258 
XCR "C4'" "C5'"  sing N N 259 
XCR "C4'" "H4'"  sing N N 260 
XCR "O5'" "C5'"  sing N N 261 
XCR "C5'" "H5'"  sing N N 262 
XCR "C5'" "H5'A" sing N N 263 
XCR "C7'" "C6'"  doub N N 264 
XCR "C6'" "H6'"  sing N N 265 
XCR "C7'" "H7'"  sing N N 266 
XCR OP1   HOP1   sing N N 267 
XCR OP3   HOP3   sing N N 268 
XGR "O5'" P      sing N N 269 
XGR OP2   P      doub N N 270 
XGR OP3   P      sing N N 271 
XGR P     OP1    sing N N 272 
XGR C2    N1     sing N N 273 
XGR N1    C6     sing N N 274 
XGR N1    HN1    sing N N 275 
XGR N2    C2     sing N N 276 
XGR C2    N3     doub N N 277 
XGR N2    HN2    sing N N 278 
XGR N2    HN2A   sing N N 279 
XGR N3    C4     sing N N 280 
XGR C4    C5     doub Y N 281 
XGR C4    N9     sing Y N 282 
XGR C6    C5     sing N N 283 
XGR C5    N7     sing Y N 284 
XGR O6    C6     doub N N 285 
XGR N7    C8     doub Y N 286 
XGR N9    C8     sing Y N 287 
XGR C8    H8     sing N N 288 
XGR N9    "C1'"  sing N N 289 
XGR "C1'" "C7'"  sing N N 290 
XGR "C1'" "C2'"  sing N N 291 
XGR "C1'" "H1'"  sing N N 292 
XGR "C2'" "C3'"  sing N N 293 
XGR "C2'" "H2'"  sing N N 294 
XGR "C2'" "H2'A" sing N N 295 
XGR "C3'" "C4'"  sing N N 296 
XGR "C3'" "O3'"  sing N N 297 
XGR "C3'" "H3'"  sing N N 298 
XGR "O3'" "HO3'" sing N N 299 
XGR "C6'" "C4'"  sing N N 300 
XGR "C4'" "C5'"  sing N N 301 
XGR "C4'" "H4'"  sing N N 302 
XGR "O5'" "C5'"  sing N N 303 
XGR "C5'" "H5'"  sing N N 304 
XGR "C5'" "H5'A" sing N N 305 
XGR "C7'" "C6'"  doub N N 306 
XGR "C6'" "H6'"  sing N N 307 
XGR "C7'" "H7'"  sing N N 308 
XGR OP1   HOP1   sing N N 309 
XGR OP3   HOP3   sing N N 310 
XTR OP3   HOP3   sing N N 311 
XTR "C4'" "C6'"  sing N N 312 
XTR "C4'" "H4'"  sing N N 313 
XTR "C7'" "C6'"  doub N N 314 
XTR "C7'" "H7'"  sing N N 315 
XTR "C6'" "H6'"  sing N N 316 
XTR "C1'" "C7'"  sing N N 317 
XTR "C1'" N1     sing N N 318 
XTR "C1'" "H1'"  sing N N 319 
XTR C4    O4     doub N N 320 
XTR C5    C4     sing N N 321 
XTR C5    C5M    sing N N 322 
XTR C5M   H5M    sing N N 323 
XTR C5M   H5MA   sing N N 324 
XTR C5M   H5MB   sing N N 325 
XTR C6    C5     doub N N 326 
XTR C6    H6     sing N N 327 
XTR N3    C4     sing N N 328 
XTR N3    HN3    sing N N 329 
XTR C2    N3     sing N N 330 
XTR O2    C2     doub N N 331 
XTR N1    C6     sing N N 332 
XTR N1    C2     sing N N 333 
XTR "C2'" "C1'"  sing N N 334 
XTR "C2'" "C3'"  sing N N 335 
XTR "C2'" "H2'"  sing N N 336 
XTR "C2'" "H2'A" sing N N 337 
XTR "C3'" "C4'"  sing N N 338 
XTR "C3'" "H3'"  sing N N 339 
XTR P     OP3    sing N N 340 
XTR P     OP1    doub N N 341 
XTR OP2   P      sing N N 342 
XTR "O5'" P      sing N N 343 
XTR "C5'" "C4'"  sing N N 344 
XTR "C5'" "O5'"  sing N N 345 
XTR "C5'" "H5'"  sing N N 346 
XTR "C5'" "H5'A" sing N N 347 
XTR "O3'" "C3'"  sing N N 348 
XTR "O3'" "HO3'" sing N N 349 
XTR OP2   HOP2   sing N N 350 
# 
loop_
_ndb_struct_conf_na.entry_id 
_ndb_struct_conf_na.feature 
3KNC 'double helix'         
3KNC 'a-form double helix'  
3KNC 'mismatched base pair' 
# 
loop_
_ndb_struct_na_base_pair.model_number 
_ndb_struct_na_base_pair.i_label_asym_id 
_ndb_struct_na_base_pair.i_label_comp_id 
_ndb_struct_na_base_pair.i_label_seq_id 
_ndb_struct_na_base_pair.i_symmetry 
_ndb_struct_na_base_pair.j_label_asym_id 
_ndb_struct_na_base_pair.j_label_comp_id 
_ndb_struct_na_base_pair.j_label_seq_id 
_ndb_struct_na_base_pair.j_symmetry 
_ndb_struct_na_base_pair.shear 
_ndb_struct_na_base_pair.stretch 
_ndb_struct_na_base_pair.stagger 
_ndb_struct_na_base_pair.buckle 
_ndb_struct_na_base_pair.propeller 
_ndb_struct_na_base_pair.opening 
_ndb_struct_na_base_pair.pair_number 
_ndb_struct_na_base_pair.pair_name 
_ndb_struct_na_base_pair.i_auth_asym_id 
_ndb_struct_na_base_pair.i_auth_seq_id 
_ndb_struct_na_base_pair.i_PDB_ins_code 
_ndb_struct_na_base_pair.j_auth_asym_id 
_ndb_struct_na_base_pair.j_auth_seq_id 
_ndb_struct_na_base_pair.j_PDB_ins_code 
_ndb_struct_na_base_pair.hbond_type_28 
_ndb_struct_na_base_pair.hbond_type_12 
1 A XGR 1 1_555 B C 8 1_555 0.061  -0.125 0.545  1.753  -12.277 1.052  1 A_XGR1:C8_B A 1 ? B 8 ? 19 1 
1 A XCR 2 1_555 B G 7 1_555 0.005  -0.244 0.521  -5.102 -12.505 1.030  2 A_XCR2:G7_B A 2 ? B 7 ? 19 1 
1 A XGR 3 1_555 B C 6 1_555 -0.165 0.080  0.317  -9.561 -14.167 5.729  3 A_XGR3:C6_B A 3 ? B 6 ? 19 1 
1 A XTR 4 1_555 B A 5 1_555 0.375  -0.121 0.439  -8.304 -13.046 -2.908 4 A_XTR4:A5_B A 4 ? B 5 ? 20 1 
1 A XGR 6 1_555 B C 3 1_555 -0.063 -0.279 -0.065 -2.720 -11.560 -5.217 5 A_XGR6:C3_B A 6 ? B 3 ? 19 1 
1 A XCR 7 1_555 B G 2 1_555 -0.466 -0.086 0.191  -3.273 -10.283 0.859  6 A_XCR7:G2_B A 7 ? B 2 ? 19 1 
1 A XGR 8 1_555 B C 1 1_555 -0.473 0.018  -0.252 -9.236 -15.039 5.307  7 A_XGR8:C1_B A 8 ? B 1 ? 19 1 
# 
loop_
_ndb_struct_na_base_pair_step.model_number 
_ndb_struct_na_base_pair_step.i_label_asym_id_1 
_ndb_struct_na_base_pair_step.i_label_comp_id_1 
_ndb_struct_na_base_pair_step.i_label_seq_id_1 
_ndb_struct_na_base_pair_step.i_symmetry_1 
_ndb_struct_na_base_pair_step.j_label_asym_id_1 
_ndb_struct_na_base_pair_step.j_label_comp_id_1 
_ndb_struct_na_base_pair_step.j_label_seq_id_1 
_ndb_struct_na_base_pair_step.j_symmetry_1 
_ndb_struct_na_base_pair_step.i_label_asym_id_2 
_ndb_struct_na_base_pair_step.i_label_comp_id_2 
_ndb_struct_na_base_pair_step.i_label_seq_id_2 
_ndb_struct_na_base_pair_step.i_symmetry_2 
_ndb_struct_na_base_pair_step.j_label_asym_id_2 
_ndb_struct_na_base_pair_step.j_label_comp_id_2 
_ndb_struct_na_base_pair_step.j_label_seq_id_2 
_ndb_struct_na_base_pair_step.j_symmetry_2 
_ndb_struct_na_base_pair_step.shift 
_ndb_struct_na_base_pair_step.slide 
_ndb_struct_na_base_pair_step.rise 
_ndb_struct_na_base_pair_step.tilt 
_ndb_struct_na_base_pair_step.roll 
_ndb_struct_na_base_pair_step.twist 
_ndb_struct_na_base_pair_step.x_displacement 
_ndb_struct_na_base_pair_step.y_displacement 
_ndb_struct_na_base_pair_step.helical_rise 
_ndb_struct_na_base_pair_step.inclination 
_ndb_struct_na_base_pair_step.tip 
_ndb_struct_na_base_pair_step.helical_twist 
_ndb_struct_na_base_pair_step.step_number 
_ndb_struct_na_base_pair_step.step_name 
_ndb_struct_na_base_pair_step.i_auth_asym_id_1 
_ndb_struct_na_base_pair_step.i_auth_seq_id_1 
_ndb_struct_na_base_pair_step.i_PDB_ins_code_1 
_ndb_struct_na_base_pair_step.j_auth_asym_id_1 
_ndb_struct_na_base_pair_step.j_auth_seq_id_1 
_ndb_struct_na_base_pair_step.j_PDB_ins_code_1 
_ndb_struct_na_base_pair_step.i_auth_asym_id_2 
_ndb_struct_na_base_pair_step.i_auth_seq_id_2 
_ndb_struct_na_base_pair_step.i_PDB_ins_code_2 
_ndb_struct_na_base_pair_step.j_auth_asym_id_2 
_ndb_struct_na_base_pair_step.j_auth_seq_id_2 
_ndb_struct_na_base_pair_step.j_PDB_ins_code_2 
1 A XGR 1 1_555 B C 8 1_555 A XCR 2 1_555 B G 7 1_555 -0.159 -2.349 3.270 -1.344 3.054  35.098 -4.319 0.069  3.065 5.050  2.222  
35.251 1 AA_XGR1XCR2:G7C8_BB A 1 ? B 8 ? A 2 ? B 7 ? 
1 A XCR 2 1_555 B G 7 1_555 A XGR 3 1_555 B C 6 1_555 -0.151 -1.941 3.125 2.134  8.686  30.917 -4.865 0.607  2.487 15.881 -3.901 
32.155 2 AA_XCR2XGR3:C6G7_BB A 2 ? B 7 ? A 3 ? B 6 ? 
1 A XGR 3 1_555 B C 6 1_555 A XTR 4 1_555 B A 5 1_555 -0.415 -1.691 3.143 1.632  6.416  35.729 -3.532 0.874  2.787 10.348 -2.631 
36.317 3 AA_XGR3XTR4:A5C6_BB A 3 ? B 6 ? A 4 ? B 5 ? 
1 A XTR 4 1_555 B A 5 1_555 A XGR 6 1_555 B C 3 1_555 0.181  -3.741 5.819 3.937  28.602 59.744 -5.281 0.086  3.873 27.077 -3.727 
65.770 4 AA_XTR4XGR6:C3A5_BB A 4 ? B 5 ? A 6 ? B 3 ? 
1 A XGR 6 1_555 B C 3 1_555 A XCR 7 1_555 B G 2 1_555 0.957  -2.249 3.382 1.749  5.223  28.518 -5.613 -1.531 2.983 10.479 -3.508 
29.035 5 AA_XGR6XCR7:G2C3_BB A 6 ? B 3 ? A 7 ? B 2 ? 
1 A XCR 7 1_555 B G 2 1_555 A XGR 8 1_555 B C 1 1_555 -0.250 -2.222 3.246 1.636  13.860 29.913 -5.921 0.678  2.029 25.197 -2.974 
32.941 6 AA_XCR7XGR8:C1G2_BB A 7 ? B 2 ? A 8 ? B 1 ? 
# 
_atom_sites.entry_id                    3KNC 
_atom_sites.fract_transf_matrix[1][1]   -0.01556687 
_atom_sites.fract_transf_matrix[1][2]   -0.01757326 
_atom_sites.fract_transf_matrix[1][3]   0.01441032 
_atom_sites.fract_transf_matrix[2][1]   -0.01944832 
_atom_sites.fract_transf_matrix[2][2]   -0.01479098 
_atom_sites.fract_transf_matrix[2][3]   -0.01271895 
_atom_sites.fract_transf_matrix[3][1]   0.00970809 
_atom_sites.fract_transf_matrix[3][2]   -0.01063285 
_atom_sites.fract_transf_matrix[3][3]   -0.00247943 
_atom_sites.fract_transf_vector[1]      0.398827 
_atom_sites.fract_transf_vector[2]      -0.141930 
_atom_sites.fract_transf_vector[3]      0.027799 
# 
loop_
_atom_type.symbol 
C  
MG 
N  
O  
P  
# 
loop_
_atom_site.group_PDB 
_atom_site.id 
_atom_site.type_symbol 
_atom_site.label_atom_id 
_atom_site.label_alt_id 
_atom_site.label_comp_id 
_atom_site.label_asym_id 
_atom_site.label_entity_id 
_atom_site.label_seq_id 
_atom_site.pdbx_PDB_ins_code 
_atom_site.Cartn_x 
_atom_site.Cartn_y 
_atom_site.Cartn_z 
_atom_site.occupancy 
_atom_site.B_iso_or_equiv 
_atom_site.pdbx_formal_charge 
_atom_site.auth_seq_id 
_atom_site.auth_comp_id 
_atom_site.auth_asym_id 
_atom_site.auth_atom_id 
_atom_site.pdbx_PDB_model_num 
HETATM 1   N  N1    . XGR A 1 1 ? 4.564   9.481   0.789   1.00 49.22 ? 1   XGR A N1    1 
HETATM 2   C  C2    . XGR A 1 1 ? 5.907   9.591   0.967   1.00 48.32 ? 1   XGR A C2    1 
HETATM 3   N  N2    . XGR A 1 1 ? 6.334   9.879   2.211   1.00 49.38 ? 1   XGR A N2    1 
HETATM 4   N  N3    . XGR A 1 1 ? 6.762   9.443   -0.029  1.00 50.70 ? 1   XGR A N3    1 
HETATM 5   C  C4    . XGR A 1 1 ? 6.190   9.152   -1.219  1.00 52.42 ? 1   XGR A C4    1 
HETATM 6   C  C5    . XGR A 1 1 ? 4.863   9.021   -1.469  1.00 51.19 ? 1   XGR A C5    1 
HETATM 7   C  C6    . XGR A 1 1 ? 3.956   9.193   -0.424  1.00 50.38 ? 1   XGR A C6    1 
HETATM 8   O  O6    . XGR A 1 1 ? 2.733   9.101   -0.484  1.00 54.08 ? 1   XGR A O6    1 
HETATM 9   N  N7    . XGR A 1 1 ? 4.629   8.733   -2.802  1.00 53.93 ? 1   XGR A N7    1 
HETATM 10  C  C8    . XGR A 1 1 ? 5.819   8.717   -3.339  1.00 54.29 ? 1   XGR A C8    1 
HETATM 11  N  N9    . XGR A 1 1 ? 6.822   8.944   -2.444  1.00 55.93 ? 1   XGR A N9    1 
HETATM 12  C  "C1'" . XGR A 1 1 ? 8.250   8.960   -2.762  1.00 58.70 ? 1   XGR A "C1'" 1 
HETATM 13  C  "C2'" . XGR A 1 1 ? 8.938   7.599   -2.601  1.00 60.71 ? 1   XGR A "C2'" 1 
HETATM 14  C  "C3'" . XGR A 1 1 ? 8.623   6.647   -3.762  1.00 63.73 ? 1   XGR A "C3'" 1 
HETATM 15  O  "O3'" . XGR A 1 1 ? 9.303   5.433   -3.616  1.00 62.65 ? 1   XGR A "O3'" 1 
HETATM 16  C  "C4'" . XGR A 1 1 ? 9.072   7.200   -5.093  1.00 68.56 ? 1   XGR A "C4'" 1 
HETATM 17  C  "C5'" . XGR A 1 1 ? 8.361   6.453   -6.227  1.00 73.28 ? 1   XGR A "C5'" 1 
HETATM 18  O  "O5'" . XGR A 1 1 ? 7.331   7.247   -6.832  1.00 76.22 ? 1   XGR A "O5'" 1 
HETATM 19  C  "C6'" . XGR A 1 1 ? 8.781   8.674   -5.192  1.00 66.78 ? 1   XGR A "C6'" 1 
HETATM 20  C  "C7'" . XGR A 1 1 ? 8.410   9.429   -4.174  1.00 62.16 ? 1   XGR A "C7'" 1 
HETATM 21  P  P     . XCR A 1 2 ? 8.952   4.457   -2.419  1.00 63.70 ? 2   XCR A P     1 
HETATM 22  N  N1    . XCR A 1 2 ? 6.584   6.522   2.186   1.00 58.19 ? 2   XCR A N1    1 
HETATM 23  C  C2    . XCR A 1 2 ? 5.440   6.619   3.008   1.00 57.53 ? 2   XCR A C2    1 
HETATM 24  O  O2    . XCR A 1 2 ? 5.551   6.835   4.236   1.00 61.35 ? 2   XCR A O2    1 
HETATM 25  N  N3    . XCR A 1 2 ? 4.212   6.471   2.440   1.00 53.53 ? 2   XCR A N3    1 
HETATM 26  C  C4    . XCR A 1 2 ? 4.069   6.253   1.126   1.00 54.60 ? 2   XCR A C4    1 
HETATM 27  N  N4    . XCR A 1 2 ? 2.822   6.137   0.616   1.00 54.32 ? 2   XCR A N4    1 
HETATM 28  C  C5    . XCR A 1 2 ? 5.200   6.158   0.270   1.00 55.40 ? 2   XCR A C5    1 
HETATM 29  C  C6    . XCR A 1 2 ? 6.403   6.297   0.842   1.00 58.02 ? 2   XCR A C6    1 
HETATM 30  C  "C1'" . XCR A 1 2 ? 8.001   6.662   2.744   1.00 61.13 ? 2   XCR A "C1'" 1 
HETATM 31  C  "C2'" . XCR A 1 2 ? 8.604   5.344   3.265   1.00 62.98 ? 2   XCR A "C2'" 1 
HETATM 32  C  "C3'" . XCR A 1 2 ? 8.944   4.342   2.134   1.00 62.18 ? 2   XCR A "C3'" 1 
HETATM 33  O  "O3'" . XCR A 1 2 ? 9.513   3.150   2.670   1.00 63.44 ? 2   XCR A "O3'" 1 
HETATM 34  C  "C4'" . XCR A 1 2 ? 9.960   4.903   1.178   1.00 59.37 ? 2   XCR A "C4'" 1 
HETATM 35  C  "C5'" . XCR A 1 2 ? 9.833   4.200   -0.125  1.00 55.89 ? 2   XCR A "C5'" 1 
HETATM 36  O  "O5'" . XCR A 1 2 ? 9.496   5.133   -1.110  1.00 58.85 ? 2   XCR A "O5'" 1 
HETATM 37  C  "C6'" . XCR A 1 2 ? 9.797   6.390   0.997   1.00 61.20 ? 2   XCR A "C6'" 1 
HETATM 38  C  "C7'" . XCR A 1 2 ? 8.959   7.165   1.685   1.00 60.48 ? 2   XCR A "C7'" 1 
HETATM 39  O  OP1   . XCR A 1 2 ? 9.742   3.225   -2.589  1.00 69.13 ? 2   XCR A OP1   1 
HETATM 40  O  OP2   . XCR A 1 2 ? 7.479   4.456   -2.380  1.00 66.16 ? 2   XCR A OP2   1 
HETATM 41  P  P     . XGR A 1 3 ? 8.661   1.819   2.739   1.00 62.48 ? 3   XGR A P     1 
HETATM 42  N  N1    . XGR A 1 3 ? 0.563   3.686   4.620   1.00 46.91 ? 3   XGR A N1    1 
HETATM 43  C  C2    . XGR A 1 3 ? 0.890   3.781   5.938   1.00 51.10 ? 3   XGR A C2    1 
HETATM 44  N  N2    . XGR A 1 3 ? -0.141  3.897   6.808   1.00 54.36 ? 3   XGR A N2    1 
HETATM 45  N  N3    . XGR A 1 3 ? 2.131   3.761   6.386   1.00 49.00 ? 3   XGR A N3    1 
HETATM 46  C  C4    . XGR A 1 3 ? 3.027   3.633   5.403   1.00 48.98 ? 3   XGR A C4    1 
HETATM 47  C  C5    . XGR A 1 3 ? 2.785   3.546   4.067   1.00 45.34 ? 3   XGR A C5    1 
HETATM 48  C  C6    . XGR A 1 3 ? 1.467   3.572   3.609   1.00 46.72 ? 3   XGR A C6    1 
HETATM 49  O  O6    . XGR A 1 3 ? 1.043   3.508   2.451   1.00 52.70 ? 3   XGR A O6    1 
HETATM 50  N  N7    . XGR A 1 3 ? 3.976   3.443   3.358   1.00 48.54 ? 3   XGR A N7    1 
HETATM 51  C  C8    . XGR A 1 3 ? 4.906   3.469   4.291   1.00 51.98 ? 3   XGR A C8    1 
HETATM 52  N  N9    . XGR A 1 3 ? 4.414   3.579   5.573   1.00 55.07 ? 3   XGR A N9    1 
HETATM 53  C  "C1'" . XGR A 1 3 ? 5.168   3.640   6.863   1.00 60.04 ? 3   XGR A "C1'" 1 
HETATM 54  C  "C2'" . XGR A 1 3 ? 5.577   2.258   7.371   1.00 62.30 ? 3   XGR A "C2'" 1 
HETATM 55  C  "C3'" . XGR A 1 3 ? 6.645   1.590   6.502   1.00 61.95 ? 3   XGR A "C3'" 1 
HETATM 56  O  "O3'" . XGR A 1 3 ? 6.963   0.379   7.149   1.00 64.66 ? 3   XGR A "O3'" 1 
HETATM 57  C  "C4'" . XGR A 1 3 ? 7.926   2.424   6.499   1.00 63.44 ? 3   XGR A "C4'" 1 
HETATM 58  C  "C5'" . XGR A 1 3 ? 8.815   2.184   5.284   1.00 59.34 ? 3   XGR A "C5'" 1 
HETATM 59  O  "O5'" . XGR A 1 3 ? 7.998   1.893   4.178   1.00 58.56 ? 3   XGR A "O5'" 1 
HETATM 60  C  "C6'" . XGR A 1 3 ? 7.637   3.911   6.606   1.00 66.22 ? 3   XGR A "C6'" 1 
HETATM 61  C  "C7'" . XGR A 1 3 ? 6.430   4.454   6.763   1.00 63.29 ? 3   XGR A "C7'" 1 
HETATM 62  O  OP1   . XGR A 1 3 ? 9.586   0.682   2.872   1.00 69.68 ? 3   XGR A OP1   1 
HETATM 63  O  OP2   . XGR A 1 3 ? 7.612   1.888   1.692   1.00 62.47 ? 3   XGR A OP2   1 
HETATM 64  C  "C4'" . XTR A 1 4 ? 3.196   -1.111  9.515   1.00 63.14 ? 4   XTR A "C4'" 1 
HETATM 65  C  "C7'" . XTR A 1 4 ? 1.907   0.955   8.796   1.00 59.27 ? 4   XTR A "C7'" 1 
HETATM 66  C  "C6'" . XTR A 1 4 ? 2.973   0.381   9.355   1.00 64.09 ? 4   XTR A "C6'" 1 
HETATM 67  C  "C1'" . XTR A 1 4 ? 0.710   0.241   8.233   1.00 57.16 ? 4   XTR A "C1'" 1 
HETATM 68  O  O4    . XTR A 1 4 ? 0.819   0.408   2.776   1.00 54.71 ? 4   XTR A O4    1 
HETATM 69  C  C4    . XTR A 1 4 ? 0.810   0.366   3.998   1.00 48.66 ? 4   XTR A C4    1 
HETATM 70  C  C5    . XTR A 1 4 ? 1.993   0.187   4.755   1.00 44.25 ? 4   XTR A C5    1 
HETATM 71  C  C5M   . XTR A 1 4 ? 3.304   0.037   4.071   1.00 43.01 ? 4   XTR A C5M   1 
HETATM 72  C  C6    . XTR A 1 4 ? 1.919   0.158   6.071   1.00 46.58 ? 4   XTR A C6    1 
HETATM 73  N  N3    . XTR A 1 4 ? -0.337  0.483   4.723   1.00 50.34 ? 4   XTR A N3    1 
HETATM 74  C  C2    . XTR A 1 4 ? -0.434  0.455   6.072   1.00 49.42 ? 4   XTR A C2    1 
HETATM 75  O  O2    . XTR A 1 4 ? -1.506  0.577   6.621   1.00 53.50 ? 4   XTR A O2    1 
HETATM 76  N  N1    . XTR A 1 4 ? 0.734   0.288   6.748   1.00 50.50 ? 4   XTR A N1    1 
HETATM 77  C  "C2'" . XTR A 1 4 ? 0.739   -1.184  8.768   1.00 60.89 ? 4   XTR A "C2'" 1 
HETATM 78  C  "C3'" . XTR A 1 4 ? 2.126   -1.838  8.715   1.00 63.14 ? 4   XTR A "C3'" 1 
HETATM 79  P  P     . XTR A 1 4 ? 6.176   -1.000  6.980   1.00 65.66 ? 4   XTR A P     1 
HETATM 80  O  OP1   . XTR A 1 4 ? 6.961   -1.976  7.744   1.00 69.90 ? 4   XTR A OP1   1 
HETATM 81  O  OP2   . XTR A 1 4 ? 5.838   -1.228  5.564   1.00 62.83 ? 4   XTR A OP2   1 
HETATM 82  O  "O5'" . XTR A 1 4 ? 4.815   -0.865  7.777   1.00 63.45 ? 4   XTR A "O5'" 1 
HETATM 83  C  "C5'" . XTR A 1 4 ? 4.601   -1.452  9.046   1.00 61.48 ? 4   XTR A "C5'" 1 
HETATM 84  O  "O3'" . XTR A 1 4 ? 2.014   -3.166  9.170   1.00 64.70 ? 4   XTR A "O3'" 1 
HETATM 85  O  O1P   . XAR A 1 5 ? 2.351   -3.955  6.819   1.00 64.19 ? 5   XAR A O1P   1 
HETATM 86  P  P     . XAR A 1 5 ? 1.966   -4.373  8.164   1.00 62.43 ? 5   XAR A P     1 
HETATM 87  O  O2P   . XAR A 1 5 ? 2.620   -5.443  8.916   1.00 63.69 ? 5   XAR A O2P   1 
HETATM 88  O  "O5'" . XAR A 1 5 ? 0.407   -4.616  8.048   1.00 60.21 ? 5   XAR A "O5'" 1 
HETATM 89  C  "C5'" . XAR A 1 5 ? -0.329  -5.080  9.159   1.00 59.46 ? 5   XAR A "C5'" 1 
HETATM 90  C  "C4'" . XAR A 1 5 ? -1.806  -4.906  8.900   1.00 58.51 ? 5   XAR A "C4'" 1 
HETATM 91  C  "C3'" . XAR A 1 5 ? -2.143  -5.453  7.533   1.00 57.68 ? 5   XAR A "C3'" 1 
HETATM 92  O  "O3'" . XAR A 1 5 ? -2.267  -6.844  7.696   1.00 60.15 ? 5   XAR A "O3'" 1 
HETATM 93  C  "C2'" . XAR A 1 5 ? -3.444  -4.876  6.978   1.00 56.39 ? 5   XAR A "C2'" 1 
HETATM 94  C  "C1'" . XAR A 1 5 ? -3.314  -3.363  6.757   1.00 55.19 ? 5   XAR A "C1'" 1 
HETATM 95  C  "C7'" . XAR A 1 5 ? -2.705  -2.771  8.004   1.00 58.64 ? 5   XAR A "C7'" 1 
HETATM 96  C  "C6'" . XAR A 1 5 ? -2.064  -3.438  8.955   1.00 59.26 ? 5   XAR A "C6'" 1 
HETATM 97  N  N9    . XAR A 1 5 ? -2.509  -3.022  5.562   1.00 53.08 ? 5   XAR A N9    1 
HETATM 98  C  C8    . XAR A 1 5 ? -1.148  -3.078  5.411   1.00 50.20 ? 5   XAR A C8    1 
HETATM 99  N  N7    . XAR A 1 5 ? -0.749  -2.739  4.211   1.00 49.76 ? 5   XAR A N7    1 
HETATM 100 C  C5    . XAR A 1 5 ? -1.911  -2.424  3.534   1.00 47.85 ? 5   XAR A C5    1 
HETATM 101 C  C4    . XAR A 1 5 ? -2.993  -2.590  4.342   1.00 49.70 ? 5   XAR A C4    1 
HETATM 102 N  N3    . XAR A 1 5 ? -4.275  -2.373  4.012   1.00 52.67 ? 5   XAR A N3    1 
HETATM 103 C  C6    . XAR A 1 5 ? -2.168  -1.979  2.229   1.00 49.73 ? 5   XAR A C6    1 
HETATM 104 N  N6    . XAR A 1 5 ? -1.230  -1.761  1.318   1.00 51.52 ? 5   XAR A N6    1 
HETATM 105 N  N1    . XAR A 1 5 ? -3.432  -1.757  1.857   1.00 50.81 ? 5   XAR A N1    1 
HETATM 106 C  C2    . XAR A 1 5 ? -4.395  -1.960  2.752   1.00 50.50 ? 5   XAR A C2    1 
HETATM 107 P  P     . XGR A 1 6 ? -1.898  -7.863  6.541   1.00 57.89 ? 6   XGR A P     1 
HETATM 108 N  N1    . XGR A 1 6 ? -3.411  -4.038  -1.453  1.00 45.96 ? 6   XGR A N1    1 
HETATM 109 C  C2    . XGR A 1 6 ? -4.705  -4.412  -1.270  1.00 43.12 ? 6   XGR A C2    1 
HETATM 110 N  N2    . XGR A 1 6 ? -5.529  -4.183  -2.277  1.00 44.61 ? 6   XGR A N2    1 
HETATM 111 N  N3    . XGR A 1 6 ? -5.138  -4.988  -0.190  1.00 42.73 ? 6   XGR A N3    1 
HETATM 112 C  C4    . XGR A 1 6 ? -4.156  -5.136  0.719   1.00 45.71 ? 6   XGR A C4    1 
HETATM 113 C  C5    . XGR A 1 6 ? -2.863  -4.765  0.647   1.00 43.83 ? 6   XGR A C5    1 
HETATM 114 C  C6    . XGR A 1 6 ? -2.413  -4.164  -0.511  1.00 46.16 ? 6   XGR A C6    1 
HETATM 115 O  O6    . XGR A 1 6 ? -1.271  -3.773  -0.763  1.00 50.05 ? 6   XGR A O6    1 
HETATM 116 N  N7    . XGR A 1 6 ? -2.167  -5.101  1.798   1.00 48.12 ? 6   XGR A N7    1 
HETATM 117 C  C8    . XGR A 1 6 ? -3.053  -5.652  2.568   1.00 49.05 ? 6   XGR A C8    1 
HETATM 118 N  N9    . XGR A 1 6 ? -4.292  -5.708  1.972   1.00 52.05 ? 6   XGR A N9    1 
HETATM 119 C  "C1'" . XGR A 1 6 ? -5.521  -6.272  2.527   1.00 54.85 ? 6   XGR A "C1'" 1 
HETATM 120 C  "C2'" . XGR A 1 6 ? -5.531  -7.781  2.225   1.00 55.95 ? 6   XGR A "C2'" 1 
HETATM 121 C  "C3'" . XGR A 1 6 ? -4.614  -8.576  3.158   1.00 55.21 ? 6   XGR A "C3'" 1 
HETATM 122 O  "O3'" . XGR A 1 6 ? -4.709  -9.956  2.901   1.00 56.40 ? 6   XGR A "O3'" 1 
HETATM 123 C  "C4'" . XGR A 1 6 ? -5.092  -8.444  4.558   1.00 54.22 ? 6   XGR A "C4'" 1 
HETATM 124 C  "C5'" . XGR A 1 6 ? -3.963  -8.887  5.429   1.00 53.84 ? 6   XGR A "C5'" 1 
HETATM 125 O  "O5'" . XGR A 1 6 ? -3.184  -7.752  5.646   1.00 52.70 ? 6   XGR A "O5'" 1 
HETATM 126 C  "C6'" . XGR A 1 6 ? -5.362  -7.004  4.875   1.00 56.74 ? 6   XGR A "C6'" 1 
HETATM 127 C  "C7'" . XGR A 1 6 ? -5.550  -6.036  3.999   1.00 54.52 ? 6   XGR A "C7'" 1 
HETATM 128 O  OP1   . XGR A 1 6 ? -1.914  -9.232  7.065   1.00 62.02 ? 6   XGR A OP1   1 
HETATM 129 O  OP2   . XGR A 1 6 ? -0.741  -7.339  5.815   1.00 58.36 ? 6   XGR A OP2   1 
HETATM 130 P  P     . XCR A 1 7 ? -3.525  -10.702 2.192   1.00 52.44 ? 7   XCR A P     1 
HETATM 131 N  N1    . XCR A 1 7 ? -3.401  -7.735  -2.491  1.00 54.05 ? 7   XCR A N1    1 
HETATM 132 C  C2    . XCR A 1 7 ? -2.794  -7.025  -3.521  1.00 54.89 ? 7   XCR A C2    1 
HETATM 133 O  O2    . XCR A 1 7 ? -3.433  -6.808  -4.557  1.00 57.26 ? 7   XCR A O2    1 
HETATM 134 N  N3    . XCR A 1 7 ? -1.523  -6.611  -3.349  1.00 53.86 ? 7   XCR A N3    1 
HETATM 135 C  C4    . XCR A 1 7 ? -0.879  -6.897  -2.213  1.00 54.66 ? 7   XCR A C4    1 
HETATM 136 N  N4    . XCR A 1 7 ? 0.384   -6.494  -2.031  1.00 57.50 ? 7   XCR A N4    1 
HETATM 137 C  C5    . XCR A 1 7 ? -1.472  -7.616  -1.180  1.00 51.51 ? 7   XCR A C5    1 
HETATM 138 C  C6    . XCR A 1 7 ? -2.710  -8.006  -1.367  1.00 52.77 ? 7   XCR A C6    1 
HETATM 139 C  "C1'" . XCR A 1 7 ? -4.799  -8.234  -2.627  1.00 54.29 ? 7   XCR A "C1'" 1 
HETATM 140 C  "C2'" . XCR A 1 7 ? -4.779  -9.663  -3.199  1.00 56.58 ? 7   XCR A "C2'" 1 
HETATM 141 C  "C3'" . XCR A 1 7 ? -4.402  -10.738 -2.182  1.00 54.42 ? 7   XCR A "C3'" 1 
HETATM 142 O  "O3'" . XCR A 1 7 ? -4.410  -12.010 -2.809  1.00 56.81 ? 7   XCR A "O3'" 1 
HETATM 143 C  "C4'" . XCR A 1 7 ? -5.428  -10.758 -1.057  1.00 54.18 ? 7   XCR A "C4'" 1 
HETATM 144 C  "C5'" . XCR A 1 7 ? -4.844  -11.465 0.147   1.00 52.44 ? 7   XCR A "C5'" 1 
HETATM 145 O  "O5'" . XCR A 1 7 ? -3.874  -10.616 0.692   1.00 52.07 ? 7   XCR A "O5'" 1 
HETATM 146 C  "C6'" . XCR A 1 7 ? -5.794  -9.361  -0.614  1.00 55.85 ? 7   XCR A "C6'" 1 
HETATM 147 C  "C7'" . XCR A 1 7 ? -5.511  -8.247  -1.290  1.00 56.00 ? 7   XCR A "C7'" 1 
HETATM 148 O  OP1   . XCR A 1 7 ? -3.626  -12.103 2.538   1.00 58.40 ? 7   XCR A OP1   1 
HETATM 149 O  OP2   . XCR A 1 7 ? -2.340  -9.871  2.368   1.00 52.60 ? 7   XCR A OP2   1 
HETATM 150 P  P     . XGR A 1 8 ? -3.189  -12.539 -3.667  1.00 55.58 ? 8   XGR A P     1 
HETATM 151 N  N1    . XGR A 1 8 ? 2.318   -6.895  -7.243  1.00 63.24 ? 8   XGR A N1    1 
HETATM 152 C  C2    . XGR A 1 8 ? 1.557   -6.913  -8.392  1.00 62.35 ? 8   XGR A C2    1 
HETATM 153 N  N2    . XGR A 1 8 ? 2.081   -6.279  -9.428  1.00 64.20 ? 8   XGR A N2    1 
HETATM 154 N  N3    . XGR A 1 8 ? 0.382   -7.522  -8.512  1.00 60.34 ? 8   XGR A N3    1 
HETATM 155 C  C4    . XGR A 1 8 ? 0.007   -8.106  -7.344  1.00 57.26 ? 8   XGR A C4    1 
HETATM 156 C  C5    . XGR A 1 8 ? 0.688   -8.130  -6.147  1.00 57.38 ? 8   XGR A C5    1 
HETATM 157 C  C6    . XGR A 1 8 ? 1.949   -7.503  -6.028  1.00 61.96 ? 8   XGR A C6    1 
HETATM 158 O  O6    . XGR A 1 8 ? 2.691   -7.452  -5.007  1.00 61.70 ? 8   XGR A O6    1 
HETATM 159 N  N7    . XGR A 1 8 ? -0.026  -8.818  -5.191  1.00 55.20 ? 8   XGR A N7    1 
HETATM 160 C  C8    . XGR A 1 8 ? -1.101  -9.190  -5.807  1.00 53.66 ? 8   XGR A C8    1 
HETATM 161 N  N9    . XGR A 1 8 ? -1.152  -8.809  -7.106  1.00 54.33 ? 8   XGR A N9    1 
HETATM 162 C  "C1'" . XGR A 1 8 ? -2.264  -9.056  -7.997  1.00 56.79 ? 8   XGR A "C1'" 1 
HETATM 163 C  "C2'" . XGR A 1 8 ? -2.136  -10.352 -8.795  1.00 58.81 ? 8   XGR A "C2'" 1 
HETATM 164 C  "C3'" . XGR A 1 8 ? -2.419  -11.590 -7.952  1.00 58.49 ? 8   XGR A "C3'" 1 
HETATM 165 O  "O3'" . XGR A 1 8 ? -2.305  -12.725 -8.779  1.00 61.33 ? 8   XGR A "O3'" 1 
HETATM 166 C  "C4'" . XGR A 1 8 ? -3.811  -11.579 -7.339  1.00 54.84 ? 8   XGR A "C4'" 1 
HETATM 167 C  "C5'" . XGR A 1 8 ? -3.871  -12.552 -6.181  1.00 53.16 ? 8   XGR A "C5'" 1 
HETATM 168 O  "O5'" . XGR A 1 8 ? -3.408  -11.852 -5.056  1.00 54.32 ? 8   XGR A "O5'" 1 
HETATM 169 C  "C6'" . XGR A 1 8 ? -4.148  -10.201 -6.843  1.00 55.32 ? 8   XGR A "C6'" 1 
HETATM 170 C  "C7'" . XGR A 1 8 ? -3.487  -9.088  -7.126  1.00 54.86 ? 8   XGR A "C7'" 1 
HETATM 171 O  OP1   . XGR A 1 8 ? -3.377  -13.949 -3.962  1.00 55.87 ? 8   XGR A OP1   1 
HETATM 172 O  OP2   . XGR A 1 8 ? -1.988  -11.915 -3.109  1.00 55.96 ? 8   XGR A OP2   1 
HETATM 173 P  P     . XGR A 1 9 ? -1.130  -13.743 -8.481  1.00 61.45 ? 9   XGR A P     1 
HETATM 174 O  "O5'" . XGR A 1 9 ? -1.402  -14.793 -9.663  1.00 63.46 ? 9   XGR A "O5'" 1 
HETATM 175 O  OP1   . XGR A 1 9 ? -1.339  -14.446 -7.203  1.00 58.41 ? 9   XGR A OP1   1 
HETATM 176 O  OP2   . XGR A 1 9 ? 0.090   -13.040 -8.869  1.00 62.25 ? 9   XGR A OP2   1 
ATOM   177 O  "O5'" . C   B 2 1 ? 8.635   -1.089  -7.589  1.00 80.15 ? 1   C   B "O5'" 1 
ATOM   178 C  "C5'" . C   B 2 1 ? 9.238   -1.387  -8.832  1.00 78.89 ? 1   C   B "C5'" 1 
ATOM   179 C  "C4'" . C   B 2 1 ? 8.210   -1.742  -9.892  1.00 79.27 ? 1   C   B "C4'" 1 
ATOM   180 O  "O4'" . C   B 2 1 ? 8.139   -3.199  -10.015 1.00 78.98 ? 1   C   B "O4'" 1 
ATOM   181 C  "C3'" . C   B 2 1 ? 6.763   -1.297  -9.629  1.00 78.02 ? 1   C   B "C3'" 1 
ATOM   182 O  "O3'" . C   B 2 1 ? 6.437   -0.029  -10.129 1.00 77.95 ? 1   C   B "O3'" 1 
ATOM   183 C  "C2'" . C   B 2 1 ? 5.965   -2.354  -10.365 1.00 76.69 ? 1   C   B "C2'" 1 
ATOM   184 O  "O2'" . C   B 2 1 ? 5.897   -2.083  -11.743 1.00 75.01 ? 1   C   B "O2'" 1 
ATOM   185 C  "C1'" . C   B 2 1 ? 6.775   -3.611  -10.014 1.00 76.94 ? 1   C   B "C1'" 1 
ATOM   186 N  N1    . C   B 2 1 ? 6.373   -4.118  -8.622  1.00 74.71 ? 1   C   B N1    1 
ATOM   187 C  C2    . C   B 2 1 ? 5.309   -5.014  -8.469  1.00 72.86 ? 1   C   B C2    1 
ATOM   188 O  O2    . C   B 2 1 ? 4.720   -5.453  -9.459  1.00 73.14 ? 1   C   B O2    1 
ATOM   189 N  N3    . C   B 2 1 ? 4.972   -5.415  -7.228  1.00 71.54 ? 1   C   B N3    1 
ATOM   190 C  C4    . C   B 2 1 ? 5.623   -4.943  -6.178  1.00 68.63 ? 1   C   B C4    1 
ATOM   191 N  N4    . C   B 2 1 ? 5.231   -5.355  -4.992  1.00 67.58 ? 1   C   B N4    1 
ATOM   192 C  C5    . C   B 2 1 ? 6.675   -4.016  -6.283  1.00 69.50 ? 1   C   B C5    1 
ATOM   193 C  C6    . C   B 2 1 ? 7.017   -3.642  -7.509  1.00 72.97 ? 1   C   B C6    1 
ATOM   194 P  P     . G   B 2 2 ? 5.501   0.880   -9.205  1.00 79.86 ? 2   G   B P     1 
ATOM   195 O  OP1   . G   B 2 2 ? 5.408   2.185   -9.854  1.00 82.06 ? 2   G   B OP1   1 
ATOM   196 O  OP2   . G   B 2 2 ? 5.920   0.806   -7.779  1.00 77.58 ? 2   G   B OP2   1 
ATOM   197 O  "O5'" . G   B 2 2 ? 4.078   0.182   -9.349  1.00 77.67 ? 2   G   B "O5'" 1 
ATOM   198 C  "C5'" . G   B 2 2 ? 3.484   -0.030  -10.617 1.00 73.96 ? 2   G   B "C5'" 1 
ATOM   199 C  "C4'" . G   B 2 2 ? 2.128   -0.720  -10.490 1.00 70.57 ? 2   G   B "C4'" 1 
ATOM   200 O  "O4'" . G   B 2 2 ? 2.331   -2.124  -10.176 1.00 71.88 ? 2   G   B "O4'" 1 
ATOM   201 C  "C3'" . G   B 2 2 ? 1.176   -0.242  -9.403  1.00 67.66 ? 2   G   B "C3'" 1 
ATOM   202 O  "O3'" . G   B 2 2 ? 0.482   0.829   -9.886  1.00 64.35 ? 2   G   B "O3'" 1 
ATOM   203 C  "C2'" . G   B 2 2 ? 0.262   -1.444  -9.386  1.00 68.74 ? 2   G   B "C2'" 1 
ATOM   204 O  "O2'" . G   B 2 2 ? -0.489  -1.522  -10.575 1.00 71.73 ? 2   G   B "O2'" 1 
ATOM   205 C  "C1'" . G   B 2 2 ? 1.270   -2.578  -9.366  1.00 68.01 ? 2   G   B "C1'" 1 
ATOM   206 N  N9    . G   B 2 2 ? 1.733   -2.870  -8.015  1.00 64.03 ? 2   G   B N9    1 
ATOM   207 C  C8    . G   B 2 2 ? 2.849   -2.428  -7.361  1.00 61.87 ? 2   G   B C8    1 
ATOM   208 N  N7    . G   B 2 2 ? 2.937   -2.854  -6.135  1.00 59.95 ? 2   G   B N7    1 
ATOM   209 C  C5    . G   B 2 2 ? 1.812   -3.632  -5.973  1.00 58.64 ? 2   G   B C5    1 
ATOM   210 C  C6    . G   B 2 2 ? 1.366   -4.350  -4.858  1.00 59.09 ? 2   G   B C6    1 
ATOM   211 O  O6    . G   B 2 2 ? 1.916   -4.462  -3.742  1.00 58.39 ? 2   G   B O6    1 
ATOM   212 N  N1    . G   B 2 2 ? 0.142   -4.967  -5.114  1.00 59.71 ? 2   G   B N1    1 
ATOM   213 C  C2    . G   B 2 2 ? -0.551  -4.898  -6.295  1.00 61.05 ? 2   G   B C2    1 
ATOM   214 N  N2    . G   B 2 2 ? -1.711  -5.551  -6.365  1.00 61.13 ? 2   G   B N2    1 
ATOM   215 N  N3    . G   B 2 2 ? -0.122  -4.257  -7.356  1.00 61.95 ? 2   G   B N3    1 
ATOM   216 C  C4    . G   B 2 2 ? 1.060   -3.644  -7.112  1.00 62.11 ? 2   G   B C4    1 
ATOM   217 P  P     . C   B 2 3 ? -0.454  1.780   -9.012  1.00 65.02 ? 3   C   B P     1 
ATOM   218 O  OP1   . C   B 2 3 ? -0.962  2.710   -10.010 1.00 71.30 ? 3   C   B OP1   1 
ATOM   219 O  OP2   . C   B 2 3 ? 0.187   2.333   -7.812  1.00 59.37 ? 3   C   B OP2   1 
ATOM   220 O  "O5'" . C   B 2 3 ? -1.683  0.854   -8.603  1.00 68.89 ? 3   C   B "O5'" 1 
ATOM   221 C  "C5'" . C   B 2 3 ? -2.675  0.460   -9.571  1.00 68.82 ? 3   C   B "C5'" 1 
ATOM   222 C  "C4'" . C   B 2 3 ? -3.818  -0.286  -8.889  1.00 68.38 ? 3   C   B "C4'" 1 
ATOM   223 O  "O4'" . C   B 2 3 ? -3.372  -1.590  -8.448  1.00 68.23 ? 3   C   B "O4'" 1 
ATOM   224 C  "C3'" . C   B 2 3 ? -4.355  0.327   -7.601  1.00 67.47 ? 3   C   B "C3'" 1 
ATOM   225 O  "O3'" . C   B 2 3 ? -5.244  1.346   -7.881  1.00 61.97 ? 3   C   B "O3'" 1 
ATOM   226 C  "C2'" . C   B 2 3 ? -5.106  -0.880  -7.062  1.00 68.91 ? 3   C   B "C2'" 1 
ATOM   227 O  "O2'" . C   B 2 3 ? -6.250  -1.205  -7.833  1.00 70.94 ? 3   C   B "O2'" 1 
ATOM   228 C  "C1'" . C   B 2 3 ? -4.035  -1.949  -7.248  1.00 66.12 ? 3   C   B "C1'" 1 
ATOM   229 N  N1    . C   B 2 3 ? -3.090  -2.036  -6.074  1.00 61.63 ? 3   C   B N1    1 
ATOM   230 C  C2    . C   B 2 3 ? -3.463  -2.751  -4.917  1.00 62.41 ? 3   C   B C2    1 
ATOM   231 O  O2    . C   B 2 3 ? -4.549  -3.341  -4.886  1.00 65.33 ? 3   C   B O2    1 
ATOM   232 N  N3    . C   B 2 3 ? -2.622  -2.798  -3.849  1.00 59.19 ? 3   C   B N3    1 
ATOM   233 C  C4    . C   B 2 3 ? -1.452  -2.185  -3.929  1.00 56.23 ? 3   C   B C4    1 
ATOM   234 N  N4    . C   B 2 3 ? -0.654  -2.269  -2.888  1.00 56.32 ? 3   C   B N4    1 
ATOM   235 C  C5    . C   B 2 3 ? -1.045  -1.455  -5.066  1.00 54.95 ? 3   C   B C5    1 
ATOM   236 C  C6    . C   B 2 3 ? -1.891  -1.405  -6.103  1.00 58.93 ? 3   C   B C6    1 
ATOM   237 P  P     . U   B 2 4 ? -5.512  2.538   -6.880  1.00 62.13 ? 4   U   B P     1 
ATOM   238 O  OP1   . U   B 2 4 ? -6.469  3.336   -7.659  1.00 67.29 ? 4   U   B OP1   1 
ATOM   239 O  OP2   . U   B 2 4 ? -4.309  3.089   -6.276  1.00 59.75 ? 4   U   B OP2   1 
ATOM   240 O  "O5'" . U   B 2 4 ? -6.285  2.001   -5.634  1.00 62.71 ? 4   U   B "O5'" 1 
ATOM   241 C  "C5'" . U   B 2 4 ? -7.526  1.389   -5.828  1.00 64.60 ? 4   U   B "C5'" 1 
ATOM   242 C  "C4'" . U   B 2 4 ? -8.123  1.010   -4.545  1.00 60.63 ? 4   U   B "C4'" 1 
ATOM   243 O  "O4'" . U   B 2 4 ? -7.398  -0.185  -4.155  1.00 61.20 ? 4   U   B "O4'" 1 
ATOM   244 C  "C3'" . U   B 2 4 ? -7.791  1.905   -3.417  1.00 62.02 ? 4   U   B "C3'" 1 
ATOM   245 O  "O3'" . U   B 2 4 ? -8.483  3.135   -3.583  1.00 62.23 ? 4   U   B "O3'" 1 
ATOM   246 C  "C2'" . U   B 2 4 ? -8.000  1.002   -2.209  1.00 60.87 ? 4   U   B "C2'" 1 
ATOM   247 O  "O2'" . U   B 2 4 ? -9.342  0.858   -1.807  1.00 63.71 ? 4   U   B "O2'" 1 
ATOM   248 C  "C1'" . U   B 2 4 ? -7.336  -0.274  -2.754  1.00 58.24 ? 4   U   B "C1'" 1 
ATOM   249 N  N1    . U   B 2 4 ? -5.914  -0.316  -2.334  1.00 55.42 ? 4   U   B N1    1 
ATOM   250 C  C2    . U   B 2 4 ? -5.638  -0.663  -1.054  1.00 55.77 ? 4   U   B C2    1 
ATOM   251 O  O2    . U   B 2 4 ? -6.466  -1.000  -0.282  1.00 63.80 ? 4   U   B O2    1 
ATOM   252 N  N3    . U   B 2 4 ? -4.363  -0.640  -0.648  1.00 53.66 ? 4   U   B N3    1 
ATOM   253 C  C4    . U   B 2 4 ? -3.298  -0.277  -1.382  1.00 52.72 ? 4   U   B C4    1 
ATOM   254 O  O4    . U   B 2 4 ? -2.211  -0.317  -0.834  1.00 53.74 ? 4   U   B O4    1 
ATOM   255 C  C5    . U   B 2 4 ? -3.614  0.117   -2.721  1.00 52.24 ? 4   U   B C5    1 
ATOM   256 C  C6    . U   B 2 4 ? -4.890  0.092   -3.142  1.00 55.47 ? 4   U   B C6    1 
ATOM   257 P  P     . A   B 2 5 ? -8.474  4.303   -2.497  1.00 59.64 ? 5   A   B P     1 
ATOM   258 O  OP1   . A   B 2 5 ? -9.511  5.233   -2.928  1.00 63.38 ? 5   A   B OP1   1 
ATOM   259 O  OP2   . A   B 2 5 ? -7.126  4.800   -2.279  1.00 62.28 ? 5   A   B OP2   1 
ATOM   260 O  "O5'" . A   B 2 5 ? -8.917  3.619   -1.156  1.00 56.45 ? 5   A   B "O5'" 1 
ATOM   261 C  "C5'" . A   B 2 5 ? -9.279  4.500   -0.112  1.00 56.12 ? 5   A   B "C5'" 1 
ATOM   262 C  "C4'" . A   B 2 5 ? -9.294  3.737   1.158   1.00 58.44 ? 5   A   B "C4'" 1 
ATOM   263 O  "O4'" . A   B 2 5 ? -8.634  2.482   0.939   1.00 61.56 ? 5   A   B "O4'" 1 
ATOM   264 C  "C3'" . A   B 2 5 ? -8.514  4.341   2.256   1.00 63.36 ? 5   A   B "C3'" 1 
ATOM   265 O  "O3'" . A   B 2 5 ? -9.278  5.291   2.858   1.00 66.92 ? 5   A   B "O3'" 1 
ATOM   266 C  "C2'" . A   B 2 5 ? -8.063  3.204   3.127   1.00 62.68 ? 5   A   B "C2'" 1 
ATOM   267 O  "O2'" . A   B 2 5 ? -9.013  2.812   4.056   1.00 66.68 ? 5   A   B "O2'" 1 
ATOM   268 C  "C1'" . A   B 2 5 ? -7.816  2.154   2.062   1.00 61.15 ? 5   A   B "C1'" 1 
ATOM   269 N  N9    . A   B 2 5 ? -6.388  2.118   1.691   1.00 57.92 ? 5   A   B N9    1 
ATOM   270 C  C8    . A   B 2 5 ? -5.823  2.437   0.477   1.00 57.00 ? 5   A   B C8    1 
ATOM   271 N  N7    . A   B 2 5 ? -4.509  2.319   0.459   1.00 56.85 ? 5   A   B N7    1 
ATOM   272 C  C5    . A   B 2 5 ? -4.206  1.887   1.753   1.00 53.42 ? 5   A   B C5    1 
ATOM   273 C  C6    . A   B 2 5 ? -3.007  1.569   2.382   1.00 51.97 ? 5   A   B C6    1 
ATOM   274 N  N6    . A   B 2 5 ? -1.845  1.644   1.757   1.00 54.35 ? 5   A   B N6    1 
ATOM   275 N  N1    . A   B 2 5 ? -3.014  1.168   3.660   1.00 51.83 ? 5   A   B N1    1 
ATOM   276 C  C2    . A   B 2 5 ? -4.181  1.101   4.267   1.00 53.98 ? 5   A   B C2    1 
ATOM   277 N  N3    . A   B 2 5 ? -5.394  1.373   3.785   1.00 55.53 ? 5   A   B N3    1 
ATOM   278 C  C4    . A   B 2 5 ? -5.337  1.764   2.510   1.00 54.47 ? 5   A   B C4    1 
ATOM   279 P  P     . C   B 2 6 ? -8.801  6.811   2.690   1.00 70.77 ? 6   C   B P     1 
ATOM   280 O  OP1   . C   B 2 6 ? -10.000 7.650   2.855   1.00 76.42 ? 6   C   B OP1   1 
ATOM   281 O  OP2   . C   B 2 6 ? -7.987  7.075   1.479   1.00 66.81 ? 6   C   B OP2   1 
ATOM   282 O  "O5'" . C   B 2 6 ? -7.923  6.862   4.020   1.00 70.06 ? 6   C   B "O5'" 1 
ATOM   283 C  "C5'" . C   B 2 6 ? -8.519  6.363   5.194   1.00 71.43 ? 6   C   B "C5'" 1 
ATOM   284 C  "C4'" . C   B 2 6 ? -7.489  5.974   6.223   1.00 72.48 ? 6   C   B "C4'" 1 
ATOM   285 O  "O4'" . C   B 2 6 ? -6.867  4.760   5.769   1.00 72.12 ? 6   C   B "O4'" 1 
ATOM   286 C  "C3'" . C   B 2 6 ? -6.310  6.915   6.371   1.00 74.25 ? 6   C   B "C3'" 1 
ATOM   287 O  "O3'" . C   B 2 6 ? -6.638  8.127   7.059   1.00 77.08 ? 6   C   B "O3'" 1 
ATOM   288 C  "C2'" . C   B 2 6 ? -5.357  5.979   7.109   1.00 73.22 ? 6   C   B "C2'" 1 
ATOM   289 O  "O2'" . C   B 2 6 ? -5.709  5.738   8.453   1.00 75.40 ? 6   C   B "O2'" 1 
ATOM   290 C  "C1'" . C   B 2 6 ? -5.522  4.715   6.252   1.00 71.44 ? 6   C   B "C1'" 1 
ATOM   291 N  N1    . C   B 2 6 ? -4.537  4.676   5.059   1.00 66.46 ? 6   C   B N1    1 
ATOM   292 C  C2    . C   B 2 6 ? -3.170  4.370   5.207   1.00 61.93 ? 6   C   B C2    1 
ATOM   293 O  O2    . C   B 2 6 ? -2.715  4.084   6.310   1.00 63.67 ? 6   C   B O2    1 
ATOM   294 N  N3    . C   B 2 6 ? -2.360  4.389   4.152   1.00 58.70 ? 6   C   B N3    1 
ATOM   295 C  C4    . C   B 2 6 ? -2.861  4.709   2.979   1.00 63.42 ? 6   C   B C4    1 
ATOM   296 N  N4    . C   B 2 6 ? -2.053  4.743   1.918   1.00 66.55 ? 6   C   B N4    1 
ATOM   297 C  C5    . C   B 2 6 ? -4.227  5.029   2.795   1.00 65.31 ? 6   C   B C5    1 
ATOM   298 C  C6    . C   B 2 6 ? -5.027  4.998   3.845   1.00 64.56 ? 6   C   B C6    1 
ATOM   299 P  P     . G   B 2 7 ? -5.738  9.460   6.931   1.00 80.26 ? 7   G   B P     1 
ATOM   300 O  OP1   . G   B 2 7 ? -6.302  10.348  7.954   1.00 82.61 ? 7   G   B OP1   1 
ATOM   301 O  OP2   . G   B 2 7 ? -5.523  9.902   5.536   1.00 78.98 ? 7   G   B OP2   1 
ATOM   302 O  "O5'" . G   B 2 7 ? -4.301  9.078   7.461   1.00 80.15 ? 7   G   B "O5'" 1 
ATOM   303 C  "C5'" . G   B 2 7 ? -4.074  9.230   8.846   1.00 78.95 ? 7   G   B "C5'" 1 
ATOM   304 C  "C4'" . G   B 2 7 ? -2.651  8.826   9.097   1.00 76.56 ? 7   G   B "C4'" 1 
ATOM   305 O  "O4'" . G   B 2 7 ? -2.449  7.605   8.341   1.00 74.37 ? 7   G   B "O4'" 1 
ATOM   306 C  "C3'" . G   B 2 7 ? -1.614  9.748   8.480   1.00 75.72 ? 7   G   B "C3'" 1 
ATOM   307 O  "O3'" . G   B 2 7 ? -1.319  10.880  9.243   1.00 76.92 ? 7   G   B "O3'" 1 
ATOM   308 C  "C2'" . G   B 2 7 ? -0.471  8.764   8.473   1.00 73.39 ? 7   G   B "C2'" 1 
ATOM   309 O  "O2'" . G   B 2 7 ? -0.035  8.444   9.785   1.00 74.92 ? 7   G   B "O2'" 1 
ATOM   310 C  "C1'" . G   B 2 7 ? -1.118  7.555   7.863   1.00 68.20 ? 7   G   B "C1'" 1 
ATOM   311 N  N9    . G   B 2 7 ? -1.082  7.550   6.403   1.00 60.06 ? 7   G   B N9    1 
ATOM   312 C  C8    . G   B 2 7 ? -2.095  7.679   5.470   1.00 56.91 ? 7   G   B C8    1 
ATOM   313 N  N7    . G   B 2 7 ? -1.652  7.592   4.226   1.00 53.91 ? 7   G   B N7    1 
ATOM   314 C  C5    . G   B 2 7 ? -0.281  7.388   4.363   1.00 51.09 ? 7   G   B C5    1 
ATOM   315 C  C6    . G   B 2 7 ? 0.726   7.221   3.405   1.00 52.37 ? 7   G   B C6    1 
ATOM   316 O  O6    . G   B 2 7 ? 0.647   7.180   2.164   1.00 56.84 ? 7   G   B O6    1 
ATOM   317 N  N1    . G   B 2 7 ? 1.968   7.077   4.004   1.00 54.58 ? 7   G   B N1    1 
ATOM   318 C  C2    . G   B 2 7 ? 2.233   7.049   5.370   1.00 56.98 ? 7   G   B C2    1 
ATOM   319 N  N2    . G   B 2 7 ? 3.530   6.892   5.766   1.00 56.44 ? 7   G   B N2    1 
ATOM   320 N  N3    . G   B 2 7 ? 1.281   7.176   6.281   1.00 54.60 ? 7   G   B N3    1 
ATOM   321 C  C4    . G   B 2 7 ? 0.072   7.356   5.692   1.00 54.53 ? 7   G   B C4    1 
ATOM   322 P  P     . C   B 2 8 ? -0.975  12.189  8.415   1.00 75.17 ? 8   C   B P     1 
ATOM   323 O  OP1   . C   B 2 8 ? -1.238  13.251  9.395   1.00 80.05 ? 8   C   B OP1   1 
ATOM   324 O  OP2   . C   B 2 8 ? -1.637  12.169  7.075   1.00 73.18 ? 8   C   B OP2   1 
ATOM   325 O  "O5'" . C   B 2 8 ? 0.593   12.067  8.186   1.00 72.24 ? 8   C   B "O5'" 1 
ATOM   326 C  "C5'" . C   B 2 8 ? 1.469   12.038  9.280   1.00 68.03 ? 8   C   B "C5'" 1 
ATOM   327 C  "C4'" . C   B 2 8 ? 2.784   11.581  8.716   1.00 65.14 ? 8   C   B "C4'" 1 
ATOM   328 O  "O4'" . C   B 2 8 ? 2.491   10.627  7.690   1.00 61.09 ? 8   C   B "O4'" 1 
ATOM   329 C  "C3'" . C   B 2 8 ? 3.405   12.649  7.890   1.00 67.43 ? 8   C   B "C3'" 1 
ATOM   330 O  "O3'" . C   B 2 8 ? 4.109   13.563  8.718   1.00 74.60 ? 8   C   B "O3'" 1 
ATOM   331 C  "C2'" . C   B 2 8 ? 4.294   11.853  6.940   1.00 66.25 ? 8   C   B "C2'" 1 
ATOM   332 O  "O2'" . C   B 2 8 ? 5.618   11.657  7.363   1.00 71.51 ? 8   C   B "O2'" 1 
ATOM   333 C  "C1'" . C   B 2 8 ? 3.572   10.534  6.821   1.00 59.25 ? 8   C   B "C1'" 1 
ATOM   334 N  N1    . C   B 2 8 ? 2.976   10.463  5.525   1.00 55.55 ? 8   C   B N1    1 
ATOM   335 C  C2    . C   B 2 8 ? 3.755   10.302  4.363   1.00 55.26 ? 8   C   B C2    1 
ATOM   336 O  O2    . C   B 2 8 ? 4.991   10.190  4.453   1.00 60.19 ? 8   C   B O2    1 
ATOM   337 N  N3    . C   B 2 8 ? 3.130   10.254  3.158   1.00 52.66 ? 8   C   B N3    1 
ATOM   338 C  C4    . C   B 2 8 ? 1.802   10.416  3.096   1.00 50.93 ? 8   C   B C4    1 
ATOM   339 N  N4    . C   B 2 8 ? 1.203   10.401  1.899   1.00 49.28 ? 8   C   B N4    1 
ATOM   340 C  C5    . C   B 2 8 ? 1.017   10.617  4.265   1.00 52.03 ? 8   C   B C5    1 
ATOM   341 C  C6    . C   B 2 8 ? 1.629   10.633  5.453   1.00 54.21 ? 8   C   B C6    1 
HETATM 342 MG MG    . MG  C 3 . ? 2.281   -4.932  1.677   1.00 59.22 ? 100 MG  A MG    1 
HETATM 343 MG MG    . MG  D 3 . ? 2.106   -10.655 -2.023  0.50 37.01 ? 200 MG  A MG    1 
HETATM 344 O  O     . HOH E 4 . ? 2.092   4.694   8.742   1.00 73.45 ? 14  HOH A O     1 
HETATM 345 O  O     . HOH E 4 . ? 4.458   -3.331  5.160   1.00 80.92 ? 15  HOH A O     1 
HETATM 346 O  O     . HOH E 4 . ? 4.149   2.363   0.466   1.00 65.21 ? 17  HOH A O     1 
HETATM 347 O  O     . HOH E 4 . ? 2.561   5.144   -6.779  1.00 69.55 ? 20  HOH A O     1 
HETATM 348 O  O     . HOH E 4 . ? 5.679   5.225   -5.310  1.00 79.37 ? 22  HOH A O     1 
HETATM 349 O  O     . HOH E 4 . ? -1.648  -11.923 4.876   1.00 64.28 ? 23  HOH A O     1 
HETATM 350 O  O     . HOH E 4 . ? -0.060  -12.578 -4.484  1.00 72.86 ? 24  HOH A O     1 
HETATM 351 O  O     . HOH E 4 . ? -0.259  -8.366  3.414   1.00 61.53 ? 25  HOH A O     1 
HETATM 352 O  O     . HOH E 4 . ? -2.680  -16.161 -6.082  1.00 70.24 ? 28  HOH A O     1 
HETATM 353 O  O     . HOH E 4 . ? -5.140  -18.272 -5.257  1.00 52.75 ? 33  HOH A O     1 
HETATM 354 O  O     . HOH E 4 . ? 1.759   -11.330 5.240   1.00 66.64 ? 34  HOH A O     1 
HETATM 355 O  O     . HOH E 4 . ? 3.721   -10.212 3.856   1.00 63.58 ? 35  HOH A O     1 
HETATM 356 O  O     . HOH E 4 . ? 2.110   -3.482  3.236   1.00 60.24 ? 101 HOH A O     1 
HETATM 357 O  O     . HOH E 4 . ? 2.575   -6.381  0.138   1.00 64.53 ? 102 HOH A O     1 
HETATM 358 O  O     . HOH E 4 . ? 3.382   -6.258  2.928   1.00 64.23 ? 103 HOH A O     1 
HETATM 359 O  O     . HOH E 4 . ? 0.450   -5.899  2.240   1.00 62.75 ? 104 HOH A O     1 
HETATM 360 O  O     . HOH E 4 . ? 4.090   -4.026  0.988   1.00 65.50 ? 105 HOH A O     1 
HETATM 361 O  O     . HOH E 4 . ? 1.117   -3.579  0.494   1.00 64.15 ? 106 HOH A O     1 
HETATM 362 O  O     . HOH E 4 . ? 8.891   -2.001  2.566   1.00 59.98 ? 107 HOH A O     1 
HETATM 363 O  O     . HOH E 4 . ? 7.524   8.343   5.829   1.00 69.05 ? 108 HOH A O     1 
HETATM 364 O  O     . HOH E 4 . ? -1.051  -16.637 -12.083 1.00 60.42 ? 109 HOH A O     1 
HETATM 365 O  O     . HOH E 4 . ? -3.415  -16.511 -10.854 1.00 60.33 ? 110 HOH A O     1 
HETATM 366 O  O     . HOH E 4 . ? 11.358  1.056   -0.975  1.00 65.01 ? 111 HOH A O     1 
HETATM 367 O  O     . HOH E 4 . ? 3.877   -11.153 -0.891  0.50 42.75 ? 201 HOH A O     1 
HETATM 368 O  O     . HOH E 4 . ? 0.312   -10.167 -3.145  0.50 40.59 ? 202 HOH A O     1 
HETATM 369 O  O     . HOH E 4 . ? 1.002   -10.435 -0.160  0.50 40.47 ? 203 HOH A O     1 
HETATM 370 O  O     . HOH E 4 . ? 1.511   -12.731 -2.064  0.50 42.11 ? 204 HOH A O     1 
HETATM 371 O  O     . HOH E 4 . ? 2.724   -8.581  -2.016  0.50 39.30 ? 205 HOH A O     1 
HETATM 372 O  O     . HOH E 4 . ? 3.094   -10.939 -3.926  0.50 43.09 ? 206 HOH A O     1 
HETATM 373 O  O     . HOH F 4 . ? -9.950  3.848   -7.620  1.00 67.20 ? 9   HOH B O     1 
HETATM 374 O  O     . HOH F 4 . ? -2.488  8.120   1.807   1.00 61.06 ? 10  HOH B O     1 
HETATM 375 O  O     . HOH F 4 . ? -12.403 6.158   1.572   1.00 76.16 ? 11  HOH B O     1 
HETATM 376 O  O     . HOH F 4 . ? 4.586   6.793   8.452   1.00 83.75 ? 12  HOH B O     1 
HETATM 377 O  O     . HOH F 4 . ? 4.881   -4.388  -12.059 1.00 80.24 ? 13  HOH B O     1 
HETATM 378 O  O     . HOH F 4 . ? -2.929  6.969   -0.220  1.00 61.55 ? 14  HOH B O     1 
HETATM 379 O  O     . HOH F 4 . ? 4.842   -0.859  -4.806  1.00 72.44 ? 15  HOH B O     1 
HETATM 380 O  O     . HOH F 4 . ? -1.314  2.535   -5.901  1.00 69.00 ? 16  HOH B O     1 
HETATM 381 O  O     . HOH F 4 . ? -12.047 2.058   -3.555  1.00 65.80 ? 17  HOH B O     1 
HETATM 382 O  O     . HOH F 4 . ? -1.693  7.042   -3.271  1.00 79.83 ? 18  HOH B O     1 
HETATM 383 O  O     . HOH F 4 . ? -2.922  6.061   -7.842  1.00 68.80 ? 19  HOH B O     1 
HETATM 384 O  O     . HOH F 4 . ? -0.705  7.187   -0.517  1.00 67.08 ? 21  HOH B O     1 
HETATM 385 O  O     . HOH F 4 . ? -1.983  11.048  1.493   1.00 55.87 ? 26  HOH B O     1 
HETATM 386 O  O     . HOH F 4 . ? 4.126   0.579   -2.712  1.00 73.39 ? 27  HOH B O     1 
HETATM 387 O  O     . HOH F 4 . ? -3.148  4.550   -10.772 1.00 75.53 ? 29  HOH B O     1 
HETATM 388 O  O     . HOH F 4 . ? -2.400  -4.851  -9.062  1.00 71.63 ? 30  HOH B O     1 
HETATM 389 O  O     . HOH F 4 . ? 6.218   1.169   -5.571  1.00 67.54 ? 31  HOH B O     1 
HETATM 390 O  O     . HOH F 4 . ? 6.174   -1.075  -3.000  1.00 72.54 ? 32  HOH B O     1 
# 
